data_7WN8
#
_entry.id   7WN8
#
_cell.length_a   91.402
_cell.length_b   94.281
_cell.length_c   174.929
_cell.angle_alpha   90.000
_cell.angle_beta   90.000
_cell.angle_gamma   90.000
#
_symmetry.space_group_name_H-M   'P 21 21 21'
#
loop_
_entity.id
_entity.type
_entity.pdbx_description
1 polymer 'Leukocyte surface antigen CD47'
2 polymer 'BC31M5 Fab Heavy chain'
3 polymer 'BC31M5 Fab Light chain'
4 non-polymer 'ZINC ION'
5 water water
#
loop_
_entity_poly.entity_id
_entity_poly.type
_entity_poly.pdbx_seq_one_letter_code
_entity_poly.pdbx_strand_id
1 'polypeptide(L)'
;MWPLVAALLLGSACGGSAQLLFNKTKSVEFTFCNDTVVIPCFVTNMEAQNTTEVYVKWKFKGRDIYTFDGALNKSTVPTD
FSSAKIEVSQLLKGDASLKMDKSDAVSHTGNYTCEVTELTREGETIIELKYRVVSWFSPNENILIVIFPIFAILLFWGQF
GIKTLKYRSGGMDEKTIALLVAGLVITVIVIVGAILFVPGEYSLKNATGLGLIVTSTGILILLHYYVFSTAIGLTSFVIA
ILVIQVIAYILAVVGLSLCIAACIPMHGPLLISGLSILALAQLLGLVYMKFVASNQKTIQPPRKAVEEPLNAFKESKGMM
NDE
;
A,C
2 'polypeptide(L)'
;QVQLVQSGAEVKKPGASVKVSCKASGYTFTSYGISWVRQAPGQGLEWMGWISAYNGNTNYAQKLQGRVTMTTDTSTSTAY
MELRSLRSDDTAVYYCARGTVYFDYWGQGTLVTVSSASTKGPSVFPLAPSSKSTSGGTAALGCLVKDYFPEPVTVSWNSG
ALTSGVHTFPAVLQSSGLYSLSSVVTVPSSSLGTQTYICNVNHKPSNTKVDKKAEPKSCDKTHTHHHHHH
;
H,P
3 'polypeptide(L)'
;EIVLTQSPATLSLSPGERATLSCRASQSLSRNHLAWYQQKPGQPPRLLIHWASTRESGVPDRFSGSGSGTDFTLTISSLQ
AEDVAVYYCQQHTQNTWTFGQGTKVEIKRTVAAPSVFIFPPSDEQLKSGTASVVCLLNNFYPREAKVQWKVDNALQSGNS
QESVTEQDSKDSTYSLSSTLTLSKADYEKHKVYACEVTHQGLSSPVTKSFNRGEC
;
L,Q
#
loop_
_chem_comp.id
_chem_comp.type
_chem_comp.name
_chem_comp.formula
ZN non-polymer 'ZINC ION' 'Zn 2'
#
# COMPACT_ATOMS: atom_id res chain seq x y z
N GLN A 19 25.43 -18.02 21.90
CA GLN A 19 25.86 -17.69 20.54
C GLN A 19 26.82 -18.72 19.98
N LEU A 20 27.04 -18.66 18.67
CA LEU A 20 27.80 -19.68 17.97
C LEU A 20 29.29 -19.48 18.14
N LEU A 21 30.00 -20.59 18.34
CA LEU A 21 31.45 -20.61 18.46
C LEU A 21 32.04 -21.38 17.29
N PHE A 22 33.33 -21.17 17.05
CA PHE A 22 33.99 -21.67 15.84
C PHE A 22 35.32 -22.31 16.17
N ASN A 23 35.72 -23.25 15.31
CA ASN A 23 37.12 -23.69 15.22
C ASN A 23 37.80 -22.74 14.23
N LYS A 24 38.44 -21.71 14.75
CA LYS A 24 38.95 -20.63 13.91
C LYS A 24 40.25 -21.04 13.22
N THR A 25 40.28 -20.89 11.90
CA THR A 25 41.50 -21.03 11.10
C THR A 25 41.80 -19.69 10.45
N LYS A 26 43.02 -19.19 10.66
CA LYS A 26 43.36 -17.85 10.21
C LYS A 26 43.42 -17.77 8.69
N SER A 27 44.11 -18.72 8.05
CA SER A 27 44.35 -18.62 6.62
C SER A 27 44.36 -20.01 5.99
N VAL A 28 43.90 -20.05 4.74
CA VAL A 28 44.05 -21.22 3.86
C VAL A 28 44.51 -20.72 2.51
N GLU A 29 45.38 -21.47 1.85
CA GLU A 29 45.97 -21.03 0.60
C GLU A 29 45.84 -22.12 -0.47
N PHE A 30 45.79 -21.68 -1.72
CA PHE A 30 45.57 -22.55 -2.87
C PHE A 30 46.54 -22.19 -3.99
N THR A 31 46.82 -23.18 -4.84
CA THR A 31 47.62 -22.96 -6.04
C THR A 31 46.86 -23.46 -7.26
N PHE A 32 47.55 -23.53 -8.41
CA PHE A 32 46.92 -24.09 -9.60
C PHE A 32 46.55 -25.55 -9.41
N CYS A 33 47.30 -26.27 -8.55
CA CYS A 33 47.06 -27.70 -8.39
C CYS A 33 45.68 -28.00 -7.82
N ASN A 34 45.21 -27.16 -6.91
CA ASN A 34 43.89 -27.35 -6.31
C ASN A 34 42.80 -27.28 -7.38
N ASP A 35 42.18 -28.42 -7.69
CA ASP A 35 41.10 -28.42 -8.67
C ASP A 35 39.91 -27.60 -8.18
N THR A 36 39.55 -27.74 -6.91
CA THR A 36 38.57 -26.88 -6.26
C THR A 36 39.14 -26.37 -4.95
N VAL A 37 38.72 -25.18 -4.56
CA VAL A 37 39.18 -24.53 -3.34
C VAL A 37 38.03 -24.47 -2.34
N VAL A 38 38.35 -24.90 -1.12
CA VAL A 38 37.35 -24.91 -0.01
C VAL A 38 37.78 -23.92 1.07
N ILE A 39 36.82 -23.18 1.63
CA ILE A 39 37.10 -22.27 2.74
C ILE A 39 36.40 -22.84 3.97
N PRO A 40 37.13 -23.27 4.99
CA PRO A 40 36.50 -23.97 6.12
C PRO A 40 35.59 -23.05 6.93
N CYS A 41 34.61 -23.65 7.59
CA CYS A 41 33.77 -22.96 8.56
C CYS A 41 33.10 -24.01 9.44
N PHE A 42 33.40 -24.00 10.74
CA PHE A 42 32.97 -25.06 11.63
C PHE A 42 32.38 -24.46 12.90
N VAL A 43 31.07 -24.61 13.08
CA VAL A 43 30.39 -24.20 14.30
C VAL A 43 30.48 -25.35 15.30
N THR A 44 31.01 -25.06 16.49
CA THR A 44 31.25 -26.09 17.48
C THR A 44 30.10 -26.28 18.46
N ASN A 45 29.10 -25.40 18.45
CA ASN A 45 28.02 -25.47 19.42
C ASN A 45 26.65 -25.31 18.74
N MET A 46 26.52 -25.80 17.52
CA MET A 46 25.23 -25.74 16.85
C MET A 46 24.24 -26.69 17.53
N GLU A 47 22.97 -26.30 17.54
CA GLU A 47 21.92 -27.06 18.21
C GLU A 47 20.73 -27.39 17.32
N ALA A 48 20.77 -27.03 16.04
CA ALA A 48 19.60 -27.20 15.18
C ALA A 48 19.35 -28.67 14.87
N GLN A 49 18.11 -29.10 15.08
CA GLN A 49 17.68 -30.45 14.75
C GLN A 49 17.22 -30.57 13.30
N ASN A 50 17.18 -29.46 12.56
CA ASN A 50 16.70 -29.46 11.19
C ASN A 50 17.41 -28.35 10.43
N THR A 51 17.68 -28.60 9.15
CA THR A 51 18.40 -27.62 8.33
C THR A 51 17.59 -26.37 8.06
N THR A 52 16.29 -26.36 8.35
CA THR A 52 15.48 -25.17 8.17
C THR A 52 15.78 -24.07 9.19
N GLU A 53 16.56 -24.37 10.22
CA GLU A 53 16.86 -23.40 11.27
C GLU A 53 18.21 -22.71 11.08
N VAL A 54 18.91 -22.97 9.97
CA VAL A 54 20.27 -22.50 9.76
C VAL A 54 20.31 -21.55 8.58
N TYR A 55 21.05 -20.46 8.73
CA TYR A 55 21.28 -19.47 7.68
C TYR A 55 22.78 -19.24 7.56
N VAL A 56 23.29 -19.30 6.32
CA VAL A 56 24.72 -19.22 6.06
C VAL A 56 24.98 -18.09 5.07
N LYS A 57 25.98 -17.26 5.38
CA LYS A 57 26.33 -16.14 4.51
C LYS A 57 27.85 -15.95 4.49
N TRP A 58 28.39 -15.70 3.30
CA TRP A 58 29.81 -15.44 3.11
C TRP A 58 29.99 -14.05 2.54
N LYS A 59 30.91 -13.28 3.13
CA LYS A 59 31.21 -11.93 2.70
C LYS A 59 32.65 -11.83 2.21
N PHE A 60 32.88 -10.98 1.21
CA PHE A 60 34.20 -10.80 0.61
C PHE A 60 34.77 -9.41 0.85
N LYS A 61 34.05 -8.36 0.44
CA LYS A 61 34.51 -6.99 0.63
C LYS A 61 33.37 -6.08 1.08
N GLY A 62 32.43 -6.60 1.85
CA GLY A 62 31.20 -5.90 2.15
C GLY A 62 30.04 -6.29 1.27
N ARG A 63 30.19 -7.33 0.45
CA ARG A 63 29.14 -7.82 -0.44
C ARG A 63 28.88 -9.29 -0.12
N ASP A 64 27.60 -9.64 -0.01
CA ASP A 64 27.24 -11.03 0.27
C ASP A 64 27.56 -11.89 -0.94
N ILE A 65 28.39 -12.92 -0.74
CA ILE A 65 28.84 -13.76 -1.82
C ILE A 65 27.95 -14.99 -1.97
N TYR A 66 27.75 -15.76 -0.91
CA TYR A 66 26.88 -16.91 -0.92
C TYR A 66 25.97 -16.85 0.30
N THR A 67 24.66 -16.90 0.07
CA THR A 67 23.68 -16.98 1.14
C THR A 67 22.85 -18.24 0.94
N PHE A 68 22.72 -19.03 2.01
CA PHE A 68 21.87 -20.22 2.02
C PHE A 68 20.79 -20.04 3.07
N ASP A 69 19.56 -19.80 2.63
CA ASP A 69 18.41 -19.73 3.53
C ASP A 69 17.90 -21.15 3.71
N GLY A 70 18.20 -21.75 4.87
CA GLY A 70 17.76 -23.10 5.15
C GLY A 70 16.25 -23.23 5.20
N ALA A 71 15.55 -22.17 5.60
CA ALA A 71 14.10 -22.20 5.63
C ALA A 71 13.50 -22.30 4.24
N LEU A 72 14.19 -21.77 3.23
CA LEU A 72 13.73 -21.82 1.86
C LEU A 72 14.48 -22.82 1.00
N ASN A 73 15.58 -23.38 1.50
CA ASN A 73 16.45 -24.26 0.71
C ASN A 73 16.87 -23.57 -0.60
N LYS A 74 17.25 -22.30 -0.49
CA LYS A 74 17.56 -21.47 -1.63
C LYS A 74 18.98 -20.94 -1.51
N SER A 75 19.74 -21.05 -2.60
CA SER A 75 21.06 -20.46 -2.72
C SER A 75 20.98 -19.18 -3.55
N THR A 76 21.88 -18.24 -3.25
CA THR A 76 21.92 -16.96 -3.94
C THR A 76 23.38 -16.56 -4.14
N VAL A 77 23.79 -16.49 -5.41
CA VAL A 77 25.16 -16.10 -5.74
C VAL A 77 25.15 -15.10 -6.88
N PRO A 78 26.10 -14.17 -6.88
CA PRO A 78 26.21 -13.19 -7.96
C PRO A 78 26.80 -13.85 -9.21
N THR A 79 27.00 -13.01 -10.24
CA THR A 79 27.49 -13.52 -11.52
C THR A 79 28.91 -14.08 -11.41
N ASP A 80 29.79 -13.38 -10.69
CA ASP A 80 31.18 -13.77 -10.59
C ASP A 80 31.45 -14.77 -9.46
N PHE A 81 30.40 -15.40 -8.93
CA PHE A 81 30.54 -16.48 -7.95
C PHE A 81 29.54 -17.59 -8.24
N SER A 82 29.32 -17.89 -9.52
CA SER A 82 28.29 -18.86 -9.89
C SER A 82 28.62 -20.25 -9.36
N SER A 83 29.91 -20.63 -9.37
CA SER A 83 30.31 -21.94 -8.91
C SER A 83 30.23 -22.09 -7.40
N ALA A 84 30.10 -20.99 -6.66
CA ALA A 84 30.16 -21.05 -5.21
C ALA A 84 28.93 -21.75 -4.64
N LYS A 85 29.16 -22.71 -3.74
CA LYS A 85 28.10 -23.41 -3.05
C LYS A 85 28.68 -24.09 -1.82
N ILE A 86 27.79 -24.52 -0.92
CA ILE A 86 28.18 -25.29 0.25
C ILE A 86 27.48 -26.64 0.20
N GLU A 87 27.97 -27.57 1.02
CA GLU A 87 27.38 -28.89 1.13
C GLU A 87 26.32 -28.85 2.24
N VAL A 88 25.05 -28.89 1.83
CA VAL A 88 23.95 -28.79 2.79
C VAL A 88 23.93 -30.01 3.72
N SER A 89 24.32 -31.18 3.21
CA SER A 89 24.26 -32.44 3.98
C SER A 89 25.15 -32.37 5.23
N GLN A 90 26.15 -31.53 5.18
CA GLN A 90 27.11 -31.43 6.28
C GLN A 90 26.79 -30.29 7.24
N LEU A 91 25.68 -29.57 7.03
CA LEU A 91 25.43 -28.35 7.79
C LEU A 91 25.06 -28.65 9.23
N LEU A 92 24.25 -29.68 9.48
CA LEU A 92 23.78 -29.95 10.83
C LEU A 92 24.92 -30.33 11.77
N LYS A 93 26.08 -30.71 11.24
CA LYS A 93 27.27 -30.98 12.04
C LYS A 93 28.12 -29.75 12.26
N GLY A 94 27.71 -28.60 11.75
CA GLY A 94 28.46 -27.36 11.89
C GLY A 94 29.34 -27.00 10.73
N ASP A 95 29.33 -27.79 9.65
CA ASP A 95 30.17 -27.52 8.48
C ASP A 95 29.45 -26.56 7.55
N ALA A 96 29.92 -25.32 7.51
CA ALA A 96 29.42 -24.29 6.60
C ALA A 96 30.49 -23.87 5.60
N SER A 97 31.37 -24.80 5.24
CA SER A 97 32.50 -24.47 4.38
C SER A 97 32.04 -24.13 2.96
N LEU A 98 32.68 -23.12 2.38
CA LEU A 98 32.34 -22.64 1.05
C LEU A 98 33.17 -23.38 0.00
N LYS A 99 32.52 -23.80 -1.09
CA LYS A 99 33.15 -24.51 -2.18
C LYS A 99 32.92 -23.76 -3.48
N MET A 100 33.99 -23.51 -4.22
CA MET A 100 33.89 -22.77 -5.47
C MET A 100 34.92 -23.30 -6.45
N ASP A 101 34.66 -23.07 -7.74
CA ASP A 101 35.64 -23.38 -8.77
C ASP A 101 36.81 -22.40 -8.67
N LYS A 102 37.99 -22.87 -9.06
CA LYS A 102 39.24 -22.06 -8.93
C LYS A 102 39.20 -20.84 -9.84
N SER A 103 38.40 -20.88 -10.91
CA SER A 103 38.28 -19.69 -11.75
C SER A 103 37.77 -18.50 -10.96
N ASP A 104 36.78 -18.72 -10.10
CA ASP A 104 36.25 -17.65 -9.26
C ASP A 104 37.18 -17.30 -8.10
N ALA A 105 38.05 -18.22 -7.68
CA ALA A 105 38.89 -17.99 -6.52
C ALA A 105 40.04 -17.02 -6.81
N VAL A 106 40.68 -17.17 -7.97
CA VAL A 106 41.90 -16.42 -8.24
C VAL A 106 41.62 -14.92 -8.30
N SER A 107 40.50 -14.53 -8.93
CA SER A 107 40.18 -13.12 -9.06
C SER A 107 39.77 -12.49 -7.75
N HIS A 108 39.28 -13.27 -6.79
CA HIS A 108 38.76 -12.77 -5.52
C HIS A 108 39.54 -13.44 -4.38
N THR A 109 40.66 -12.83 -3.99
CA THR A 109 41.47 -13.31 -2.89
C THR A 109 41.51 -12.26 -1.80
N GLY A 110 41.32 -12.68 -0.56
CA GLY A 110 41.32 -11.76 0.56
C GLY A 110 40.64 -12.40 1.77
N ASN A 111 40.24 -11.54 2.70
CA ASN A 111 39.57 -11.99 3.91
C ASN A 111 38.13 -12.36 3.61
N TYR A 112 37.73 -13.55 4.04
CA TYR A 112 36.36 -14.03 3.90
C TYR A 112 35.71 -14.15 5.27
N THR A 113 34.47 -13.67 5.38
CA THR A 113 33.71 -13.75 6.62
C THR A 113 32.65 -14.84 6.49
N CYS A 114 32.63 -15.77 7.43
CA CYS A 114 31.63 -16.83 7.47
C CYS A 114 30.61 -16.50 8.56
N GLU A 115 29.44 -16.02 8.15
CA GLU A 115 28.37 -15.66 9.08
C GLU A 115 27.37 -16.81 9.12
N VAL A 116 27.27 -17.47 10.28
CA VAL A 116 26.34 -18.57 10.49
C VAL A 116 25.24 -18.09 11.44
N THR A 117 23.99 -18.37 11.09
CA THR A 117 22.84 -17.98 11.88
C THR A 117 22.01 -19.22 12.18
N GLU A 118 21.68 -19.41 13.46
CA GLU A 118 20.86 -20.53 13.93
C GLU A 118 19.64 -19.92 14.61
N LEU A 119 18.60 -19.65 13.83
CA LEU A 119 17.43 -18.94 14.32
C LEU A 119 17.85 -17.62 14.95
N THR A 120 17.71 -17.52 16.28
CA THR A 120 18.05 -16.27 16.96
C THR A 120 19.55 -16.14 17.20
N ARG A 121 20.27 -17.25 17.27
CA ARG A 121 21.71 -17.20 17.56
C ARG A 121 22.51 -16.90 16.30
N GLU A 122 23.71 -16.35 16.50
CA GLU A 122 24.54 -15.91 15.40
C GLU A 122 26.01 -16.02 15.78
N GLY A 123 26.86 -15.85 14.78
CA GLY A 123 28.30 -15.87 14.95
C GLY A 123 29.03 -15.73 13.63
N GLU A 124 30.24 -15.18 13.64
CA GLU A 124 31.00 -15.03 12.42
C GLU A 124 32.49 -15.20 12.70
N THR A 125 33.22 -15.55 11.65
CA THR A 125 34.68 -15.73 11.72
C THR A 125 35.30 -15.23 10.42
N ILE A 126 36.55 -14.79 10.52
CA ILE A 126 37.28 -14.20 9.39
C ILE A 126 38.39 -15.16 8.98
N ILE A 127 38.42 -15.51 7.70
CA ILE A 127 39.43 -16.40 7.14
C ILE A 127 39.94 -15.82 5.83
N GLU A 128 41.25 -15.70 5.70
CA GLU A 128 41.88 -15.14 4.51
C GLU A 128 42.27 -16.25 3.55
N LEU A 129 41.80 -16.14 2.30
CA LEU A 129 42.16 -17.07 1.25
C LEU A 129 43.35 -16.50 0.48
N LYS A 130 44.46 -17.22 0.51
CA LYS A 130 45.72 -16.74 -0.05
C LYS A 130 46.08 -17.51 -1.31
N TYR A 131 46.72 -16.82 -2.24
CA TYR A 131 47.16 -17.41 -3.50
C TYR A 131 48.68 -17.58 -3.49
N ARG A 132 49.13 -18.79 -3.82
CA ARG A 132 50.55 -19.10 -3.89
C ARG A 132 50.93 -19.49 -5.31
N VAL A 133 52.23 -19.42 -5.60
CA VAL A 133 52.76 -19.72 -6.92
C VAL A 133 54.09 -20.45 -6.76
N VAL A 134 54.28 -21.49 -7.57
CA VAL A 134 55.53 -22.24 -7.60
C VAL A 134 56.09 -22.25 -9.02
N GLN B 19 -13.23 -19.54 -31.42
CA GLN B 19 -12.15 -19.82 -32.35
C GLN B 19 -11.93 -21.32 -32.49
N LEU B 20 -11.59 -21.96 -31.37
CA LEU B 20 -11.29 -23.39 -31.37
C LEU B 20 -12.52 -24.20 -31.75
N LEU B 21 -12.33 -25.15 -32.65
CA LEU B 21 -13.39 -26.01 -33.14
C LEU B 21 -13.16 -27.44 -32.67
N PHE B 22 -14.24 -28.22 -32.61
CA PHE B 22 -14.11 -29.58 -32.04
C PHE B 22 -14.79 -30.61 -32.91
N ASN B 23 -14.35 -31.87 -32.81
CA ASN B 23 -15.08 -32.99 -33.45
C ASN B 23 -15.99 -33.42 -32.32
N LYS B 24 -17.27 -33.08 -32.39
CA LYS B 24 -18.16 -33.31 -31.23
C LYS B 24 -18.71 -34.73 -31.15
N THR B 25 -18.76 -35.29 -29.95
CA THR B 25 -19.43 -36.59 -29.73
C THR B 25 -20.58 -36.28 -28.77
N LYS B 26 -21.82 -36.57 -29.16
CA LYS B 26 -22.99 -36.22 -28.31
C LYS B 26 -22.91 -36.99 -26.99
N SER B 27 -22.49 -38.26 -27.04
CA SER B 27 -22.41 -39.12 -25.82
C SER B 27 -21.31 -40.16 -25.98
N VAL B 28 -20.83 -40.71 -24.86
CA VAL B 28 -19.79 -41.78 -24.90
C VAL B 28 -20.15 -42.92 -23.95
N THR B 36 -11.50 -47.73 -16.81
CA THR B 36 -11.00 -46.38 -17.15
C THR B 36 -12.07 -45.69 -17.99
N VAL B 37 -12.61 -44.58 -17.49
CA VAL B 37 -13.65 -43.82 -18.23
C VAL B 37 -12.97 -42.74 -19.05
N VAL B 38 -13.22 -42.73 -20.36
CA VAL B 38 -12.64 -41.71 -21.27
C VAL B 38 -13.76 -40.83 -21.84
N ILE B 39 -13.76 -39.54 -21.49
CA ILE B 39 -14.75 -38.55 -22.00
C ILE B 39 -14.05 -37.77 -23.11
N PRO B 40 -14.40 -37.91 -24.41
CA PRO B 40 -13.64 -37.27 -25.50
C PRO B 40 -13.64 -35.75 -25.73
N CYS B 41 -12.46 -35.15 -25.86
CA CYS B 41 -12.37 -33.72 -26.26
C CYS B 41 -11.31 -33.60 -27.36
N PHE B 42 -11.72 -33.14 -28.54
CA PHE B 42 -10.76 -33.09 -29.68
C PHE B 42 -10.85 -31.74 -30.39
N VAL B 43 -9.79 -30.93 -30.30
CA VAL B 43 -9.76 -29.64 -31.01
C VAL B 43 -9.14 -29.85 -32.37
N THR B 44 -9.78 -29.34 -33.41
CA THR B 44 -9.33 -29.57 -34.77
C THR B 44 -8.45 -28.45 -35.32
N ASN B 45 -8.49 -27.27 -34.73
CA ASN B 45 -7.74 -26.11 -35.22
C ASN B 45 -6.77 -25.58 -34.17
N MET B 46 -6.20 -26.49 -33.38
CA MET B 46 -5.18 -26.09 -32.41
C MET B 46 -3.90 -25.70 -33.13
N GLU B 47 -3.30 -24.58 -32.71
CA GLU B 47 -2.12 -24.03 -33.35
C GLU B 47 -0.93 -23.91 -32.42
N ALA B 48 -1.08 -24.23 -31.13
CA ALA B 48 -0.02 -24.01 -30.16
C ALA B 48 1.20 -24.89 -30.46
N GLN B 49 2.38 -24.31 -30.31
CA GLN B 49 3.63 -25.01 -30.58
C GLN B 49 4.15 -25.78 -29.37
N ASN B 50 3.77 -25.39 -28.15
CA ASN B 50 4.09 -26.15 -26.96
C ASN B 50 3.00 -25.92 -25.93
N THR B 51 2.96 -26.81 -24.93
CA THR B 51 1.83 -26.88 -24.00
C THR B 51 1.75 -25.69 -23.05
N THR B 52 2.78 -24.84 -22.98
CA THR B 52 2.70 -23.66 -22.13
C THR B 52 1.58 -22.73 -22.54
N GLU B 53 1.11 -22.81 -23.79
CA GLU B 53 0.07 -21.94 -24.31
C GLU B 53 -1.32 -22.54 -24.21
N VAL B 54 -1.47 -23.72 -23.61
CA VAL B 54 -2.74 -24.45 -23.60
C VAL B 54 -3.26 -24.53 -22.17
N TYR B 55 -4.57 -24.33 -22.03
CA TYR B 55 -5.25 -24.40 -20.73
C TYR B 55 -6.58 -25.11 -20.95
N VAL B 56 -6.75 -26.25 -20.30
CA VAL B 56 -7.95 -27.08 -20.46
C VAL B 56 -8.66 -27.18 -19.12
N LYS B 57 -9.98 -27.01 -19.15
CA LYS B 57 -10.82 -27.10 -17.95
C LYS B 57 -12.02 -27.97 -18.25
N TRP B 58 -12.27 -28.95 -17.38
CA TRP B 58 -13.48 -29.79 -17.44
C TRP B 58 -14.45 -29.33 -16.38
N LYS B 59 -15.72 -29.18 -16.75
CA LYS B 59 -16.73 -28.59 -15.88
C LYS B 59 -17.98 -29.47 -15.87
N PHE B 60 -18.35 -29.93 -14.68
CA PHE B 60 -19.60 -30.65 -14.46
C PHE B 60 -20.52 -29.79 -13.61
N LYS B 61 -21.76 -29.63 -14.05
CA LYS B 61 -22.72 -28.69 -13.45
C LYS B 61 -22.06 -27.31 -13.49
N GLY B 62 -22.10 -26.53 -12.42
CA GLY B 62 -21.41 -25.25 -12.34
C GLY B 62 -20.08 -25.29 -11.63
N ARG B 63 -19.55 -26.47 -11.33
CA ARG B 63 -18.29 -26.60 -10.61
C ARG B 63 -17.22 -27.17 -11.52
N ASP B 64 -16.03 -26.59 -11.45
CA ASP B 64 -14.89 -27.11 -12.20
C ASP B 64 -14.39 -28.39 -11.53
N ILE B 65 -14.19 -29.43 -12.34
CA ILE B 65 -13.77 -30.73 -11.82
C ILE B 65 -12.33 -31.07 -12.19
N TYR B 66 -11.75 -30.44 -13.20
CA TYR B 66 -10.36 -30.66 -13.54
C TYR B 66 -9.88 -29.49 -14.39
N THR B 67 -8.77 -28.88 -13.98
CA THR B 67 -8.11 -27.86 -14.77
C THR B 67 -6.65 -28.24 -14.95
N PHE B 68 -6.08 -27.83 -16.07
CA PHE B 68 -4.65 -28.01 -16.34
C PHE B 68 -4.10 -26.69 -16.88
N ASP B 69 -3.24 -26.05 -16.11
CA ASP B 69 -2.57 -24.82 -16.55
C ASP B 69 -1.28 -25.21 -17.23
N GLY B 70 -1.24 -25.07 -18.56
CA GLY B 70 -0.05 -25.44 -19.30
C GLY B 70 1.14 -24.58 -18.97
N ALA B 71 0.91 -23.31 -18.63
CA ALA B 71 2.01 -22.42 -18.27
C ALA B 71 2.63 -22.82 -16.93
N LEU B 72 1.80 -23.21 -15.96
CA LEU B 72 2.28 -23.57 -14.65
C LEU B 72 2.60 -25.06 -14.50
N ASN B 73 2.09 -25.90 -15.39
CA ASN B 73 2.25 -27.35 -15.30
C ASN B 73 1.77 -27.87 -13.95
N LYS B 74 0.55 -27.48 -13.59
CA LYS B 74 -0.03 -27.86 -12.31
C LYS B 74 -1.51 -28.14 -12.47
N SER B 75 -1.97 -29.25 -11.91
CA SER B 75 -3.38 -29.63 -11.94
C SER B 75 -4.08 -29.23 -10.66
N THR B 76 -5.39 -29.02 -10.76
CA THR B 76 -6.23 -28.72 -9.61
C THR B 76 -7.46 -29.60 -9.69
N VAL B 77 -7.73 -30.35 -8.63
CA VAL B 77 -8.76 -31.39 -8.67
C VAL B 77 -9.50 -31.47 -7.34
N PRO B 78 -10.83 -31.47 -7.36
CA PRO B 78 -11.59 -31.68 -6.12
C PRO B 78 -11.43 -33.10 -5.61
N THR B 79 -11.78 -33.27 -4.32
CA THR B 79 -11.63 -34.58 -3.69
C THR B 79 -12.49 -35.63 -4.37
N ASP B 80 -13.71 -35.29 -4.75
CA ASP B 80 -14.63 -36.24 -5.36
C ASP B 80 -14.31 -36.55 -6.82
N PHE B 81 -13.20 -36.05 -7.35
CA PHE B 81 -12.76 -36.35 -8.70
C PHE B 81 -11.28 -36.68 -8.73
N SER B 82 -10.80 -37.39 -7.70
CA SER B 82 -9.38 -37.58 -7.47
C SER B 82 -8.68 -38.27 -8.64
N SER B 83 -9.39 -39.13 -9.37
CA SER B 83 -8.77 -39.86 -10.47
C SER B 83 -8.73 -39.08 -11.77
N ALA B 84 -9.30 -37.88 -11.81
CA ALA B 84 -9.36 -37.10 -13.05
C ALA B 84 -7.96 -36.70 -13.48
N LYS B 85 -7.59 -37.13 -14.68
CA LYS B 85 -6.26 -36.83 -15.22
C LYS B 85 -6.35 -36.69 -16.73
N ILE B 86 -5.47 -35.91 -17.34
CA ILE B 86 -5.37 -35.77 -18.79
C ILE B 86 -3.95 -36.12 -19.20
N GLU B 87 -3.81 -36.95 -20.23
CA GLU B 87 -2.49 -37.30 -20.77
C GLU B 87 -1.96 -36.08 -21.52
N VAL B 88 -1.10 -35.31 -20.86
CA VAL B 88 -0.62 -34.04 -21.42
C VAL B 88 0.17 -34.26 -22.70
N SER B 89 0.79 -35.44 -22.85
CA SER B 89 1.59 -35.70 -24.05
C SER B 89 0.76 -35.69 -25.32
N GLN B 90 -0.57 -35.81 -25.20
CA GLN B 90 -1.45 -35.75 -26.36
C GLN B 90 -2.13 -34.39 -26.51
N LEU B 91 -1.82 -33.42 -25.64
CA LEU B 91 -2.50 -32.13 -25.68
C LEU B 91 -2.18 -31.36 -26.97
N LEU B 92 -0.91 -31.39 -27.39
CA LEU B 92 -0.52 -30.66 -28.59
C LEU B 92 -1.14 -31.24 -29.85
N LYS B 93 -1.64 -32.47 -29.80
CA LYS B 93 -2.36 -33.05 -30.92
C LYS B 93 -3.83 -32.66 -30.94
N GLY B 94 -4.27 -31.83 -30.00
CA GLY B 94 -5.68 -31.49 -29.85
C GLY B 94 -6.45 -32.39 -28.92
N ASP B 95 -5.82 -33.43 -28.37
CA ASP B 95 -6.50 -34.37 -27.49
C ASP B 95 -6.54 -33.80 -26.08
N ALA B 96 -7.75 -33.48 -25.61
CA ALA B 96 -7.96 -32.99 -24.25
C ALA B 96 -8.90 -33.92 -23.48
N SER B 97 -8.90 -35.20 -23.84
CA SER B 97 -9.81 -36.15 -23.22
C SER B 97 -9.50 -36.34 -21.74
N LEU B 98 -10.55 -36.55 -20.95
CA LEU B 98 -10.44 -36.68 -19.51
C LEU B 98 -10.43 -38.15 -19.12
N LYS B 99 -9.36 -38.58 -18.46
CA LYS B 99 -9.27 -39.92 -17.92
C LYS B 99 -9.73 -39.93 -16.46
N MET B 100 -10.38 -41.00 -16.07
CA MET B 100 -11.06 -41.09 -14.77
C MET B 100 -11.45 -42.55 -14.57
N ASP B 101 -11.66 -42.93 -13.32
CA ASP B 101 -11.96 -44.32 -12.99
C ASP B 101 -13.46 -44.54 -12.83
N LYS B 102 -13.83 -45.82 -12.75
CA LYS B 102 -15.24 -46.19 -12.58
C LYS B 102 -15.80 -45.75 -11.25
N SER B 103 -14.98 -45.74 -10.19
CA SER B 103 -15.46 -45.36 -8.88
C SER B 103 -16.03 -43.96 -8.85
N ASP B 104 -15.54 -43.09 -9.74
CA ASP B 104 -15.97 -41.67 -9.72
C ASP B 104 -16.98 -41.37 -10.84
N ALA B 105 -17.12 -42.28 -11.81
CA ALA B 105 -17.97 -41.97 -12.96
C ALA B 105 -19.45 -42.18 -12.64
N VAL B 106 -19.79 -43.30 -12.02
CA VAL B 106 -21.19 -43.56 -11.69
C VAL B 106 -21.67 -42.62 -10.59
N SER B 107 -20.78 -42.25 -9.67
CA SER B 107 -21.18 -41.36 -8.56
C SER B 107 -21.61 -40.02 -9.15
N HIS B 108 -20.76 -39.39 -9.96
CA HIS B 108 -21.04 -38.11 -10.59
C HIS B 108 -21.25 -38.36 -12.08
N THR B 109 -22.50 -38.31 -12.52
CA THR B 109 -22.87 -38.68 -13.87
C THR B 109 -23.63 -37.55 -14.54
N GLY B 110 -23.65 -37.57 -15.88
CA GLY B 110 -24.43 -36.63 -16.64
C GLY B 110 -23.68 -35.86 -17.72
N ASN B 111 -24.06 -34.61 -17.93
CA ASN B 111 -23.47 -33.78 -18.98
C ASN B 111 -22.13 -33.21 -18.54
N TYR B 112 -21.16 -33.27 -19.44
CA TYR B 112 -19.82 -32.75 -19.20
C TYR B 112 -19.50 -31.67 -20.22
N THR B 113 -18.81 -30.62 -19.78
CA THR B 113 -18.40 -29.52 -20.64
C THR B 113 -16.88 -29.47 -20.69
N CYS B 114 -16.34 -29.47 -21.90
CA CYS B 114 -14.90 -29.41 -22.13
C CYS B 114 -14.57 -28.03 -22.69
N GLU B 115 -13.82 -27.24 -21.92
CA GLU B 115 -13.41 -25.90 -22.31
C GLU B 115 -11.91 -25.86 -22.51
N VAL B 116 -11.48 -25.43 -23.69
CA VAL B 116 -10.06 -25.37 -24.05
C VAL B 116 -9.72 -23.92 -24.38
N THR B 117 -8.60 -23.44 -23.84
CA THR B 117 -8.12 -22.09 -24.08
C THR B 117 -6.69 -22.17 -24.57
N GLU B 118 -6.46 -21.66 -25.78
CA GLU B 118 -5.08 -21.61 -26.34
C GLU B 118 -4.71 -20.14 -26.42
N LEU B 119 -4.11 -19.62 -25.35
CA LEU B 119 -3.84 -18.17 -25.28
C LEU B 119 -5.17 -17.42 -25.38
N THR B 120 -5.34 -16.55 -26.36
CA THR B 120 -6.56 -15.72 -26.44
C THR B 120 -7.75 -16.46 -27.03
N ARG B 121 -7.62 -17.73 -27.41
CA ARG B 121 -8.70 -18.40 -28.13
C ARG B 121 -9.50 -19.31 -27.21
N GLU B 122 -10.82 -19.29 -27.41
CA GLU B 122 -11.76 -19.96 -26.52
C GLU B 122 -12.54 -21.01 -27.31
N GLY B 123 -12.96 -22.07 -26.62
CA GLY B 123 -13.73 -23.13 -27.25
C GLY B 123 -14.37 -24.09 -26.26
N GLU B 124 -15.63 -24.43 -26.49
CA GLU B 124 -16.38 -25.30 -25.60
C GLU B 124 -17.14 -26.37 -26.39
N THR B 125 -17.32 -27.52 -25.75
CA THR B 125 -18.15 -28.58 -26.31
C THR B 125 -18.82 -29.34 -25.17
N ILE B 126 -20.01 -29.87 -25.45
CA ILE B 126 -20.83 -30.55 -24.46
C ILE B 126 -20.96 -32.01 -24.86
N ILE B 127 -20.80 -32.91 -23.89
CA ILE B 127 -20.91 -34.34 -24.12
C ILE B 127 -21.67 -34.99 -22.97
N GLU B 128 -22.61 -35.87 -23.32
CA GLU B 128 -23.39 -36.62 -22.34
C GLU B 128 -22.64 -37.87 -21.89
N LEU B 129 -22.84 -38.24 -20.63
CA LEU B 129 -22.27 -39.47 -20.10
C LEU B 129 -23.36 -40.36 -19.49
N GLN C 1 7.10 -24.32 26.48
CA GLN C 1 7.42 -24.16 27.89
C GLN C 1 8.53 -23.11 28.08
N VAL C 2 8.98 -22.53 26.97
CA VAL C 2 9.93 -21.43 27.03
C VAL C 2 9.22 -20.20 27.59
N GLN C 3 9.67 -19.74 28.75
CA GLN C 3 9.02 -18.63 29.45
C GLN C 3 10.06 -17.62 29.91
N LEU C 4 9.63 -16.36 30.01
CA LEU C 4 10.43 -15.30 30.60
C LEU C 4 9.52 -14.53 31.54
N VAL C 5 9.65 -14.77 32.84
CA VAL C 5 8.81 -14.14 33.85
C VAL C 5 9.55 -12.94 34.42
N GLN C 6 8.92 -11.78 34.36
CA GLN C 6 9.53 -10.52 34.74
C GLN C 6 9.04 -10.06 36.12
N SER C 7 9.84 -9.23 36.77
CA SER C 7 9.51 -8.75 38.10
C SER C 7 8.37 -7.74 38.04
N GLY C 8 7.77 -7.49 39.21
CA GLY C 8 6.60 -6.64 39.29
C GLY C 8 6.90 -5.18 39.05
N ALA C 9 5.82 -4.44 38.79
CA ALA C 9 5.93 -3.02 38.48
C ALA C 9 6.46 -2.22 39.66
N GLU C 10 7.14 -1.12 39.35
CA GLU C 10 7.78 -0.29 40.36
C GLU C 10 7.46 1.18 40.10
N VAL C 11 7.48 1.97 41.18
CA VAL C 11 7.28 3.41 41.13
C VAL C 11 8.51 4.07 41.72
N LYS C 12 9.09 5.02 40.99
CA LYS C 12 10.32 5.68 41.40
C LYS C 12 10.21 7.18 41.19
N LYS C 13 10.97 7.93 42.00
CA LYS C 13 11.14 9.38 41.94
C LYS C 13 12.29 9.73 41.00
N PRO C 14 12.28 10.94 40.41
CA PRO C 14 13.38 11.34 39.53
C PRO C 14 14.72 11.30 40.27
N GLY C 15 15.74 10.81 39.57
CA GLY C 15 17.06 10.64 40.14
C GLY C 15 17.32 9.30 40.79
N ALA C 16 16.28 8.53 41.06
CA ALA C 16 16.44 7.25 41.74
C ALA C 16 16.85 6.17 40.73
N SER C 17 16.92 4.93 41.22
CA SER C 17 17.33 3.79 40.41
C SER C 17 16.24 2.73 40.45
N VAL C 18 16.22 1.90 39.41
CA VAL C 18 15.29 0.78 39.32
C VAL C 18 16.04 -0.42 38.77
N LYS C 19 15.73 -1.61 39.30
CA LYS C 19 16.29 -2.85 38.79
C LYS C 19 15.15 -3.81 38.48
N VAL C 20 15.15 -4.35 37.26
CA VAL C 20 14.11 -5.24 36.77
C VAL C 20 14.75 -6.59 36.48
N SER C 21 14.14 -7.66 36.98
CA SER C 21 14.66 -9.01 36.80
C SER C 21 13.86 -9.76 35.74
N CYS C 22 14.53 -10.72 35.09
CA CYS C 22 13.95 -11.50 34.00
C CYS C 22 14.36 -12.97 34.22
N LYS C 23 13.50 -13.72 34.91
CA LYS C 23 13.78 -15.11 35.21
C LYS C 23 13.40 -15.99 34.03
N ALA C 24 14.34 -16.82 33.58
CA ALA C 24 14.15 -17.64 32.40
C ALA C 24 13.94 -19.11 32.77
N SER C 25 13.18 -19.81 31.94
CA SER C 25 12.92 -21.23 32.14
C SER C 25 12.50 -21.84 30.81
N GLY C 26 12.60 -23.16 30.73
CA GLY C 26 12.18 -23.89 29.55
C GLY C 26 13.21 -24.02 28.45
N TYR C 27 14.43 -23.53 28.67
CA TYR C 27 15.49 -23.66 27.68
C TYR C 27 16.82 -23.49 28.41
N THR C 28 17.91 -23.87 27.72
CA THR C 28 19.24 -23.69 28.28
C THR C 28 19.58 -22.20 28.26
N PHE C 29 19.64 -21.60 29.45
CA PHE C 29 19.77 -20.15 29.57
C PHE C 29 21.03 -19.64 28.89
N THR C 30 22.18 -20.28 29.16
CA THR C 30 23.45 -19.74 28.68
C THR C 30 23.68 -19.99 27.19
N SER C 31 22.79 -20.73 26.53
CA SER C 31 22.94 -20.97 25.10
C SER C 31 22.40 -19.83 24.23
N TYR C 32 21.75 -18.83 24.82
CA TYR C 32 21.10 -17.77 24.08
C TYR C 32 21.54 -16.42 24.62
N GLY C 33 21.23 -15.37 23.86
CA GLY C 33 21.39 -14.01 24.33
C GLY C 33 20.20 -13.58 25.16
N ILE C 34 20.20 -12.30 25.52
CA ILE C 34 19.06 -11.66 26.16
C ILE C 34 19.05 -10.19 25.75
N SER C 35 17.93 -9.71 25.25
CA SER C 35 17.78 -8.31 24.87
C SER C 35 16.72 -7.64 25.72
N TRP C 36 16.82 -6.32 25.81
CA TRP C 36 15.88 -5.49 26.56
C TRP C 36 15.29 -4.44 25.64
N VAL C 37 13.97 -4.32 25.64
CA VAL C 37 13.24 -3.35 24.84
C VAL C 37 12.22 -2.66 25.73
N ARG C 38 12.15 -1.33 25.65
CA ARG C 38 11.21 -0.56 26.44
C ARG C 38 10.23 0.17 25.52
N GLN C 39 9.13 0.61 26.10
CA GLN C 39 8.06 1.24 25.32
C GLN C 39 7.33 2.24 26.21
N ALA C 40 7.48 3.52 25.91
CA ALA C 40 6.71 4.53 26.62
C ALA C 40 5.23 4.34 26.31
N PRO C 41 4.34 4.69 27.25
CA PRO C 41 2.91 4.49 27.02
C PRO C 41 2.43 5.22 25.77
N GLY C 42 1.90 4.46 24.82
CA GLY C 42 1.40 5.04 23.58
C GLY C 42 2.44 5.33 22.53
N GLN C 43 3.65 4.79 22.66
CA GLN C 43 4.68 5.00 21.65
C GLN C 43 5.24 3.67 21.16
N GLY C 44 6.27 3.74 20.31
CA GLY C 44 6.83 2.55 19.71
C GLY C 44 7.85 1.85 20.60
N LEU C 45 8.33 0.72 20.10
CA LEU C 45 9.34 -0.07 20.82
C LEU C 45 10.70 0.61 20.72
N GLU C 46 11.44 0.56 21.83
CA GLU C 46 12.79 1.14 21.85
C GLU C 46 13.80 0.10 22.36
N TRP C 47 14.71 -0.31 21.49
CA TRP C 47 15.74 -1.27 21.87
C TRP C 47 16.70 -0.64 22.87
N MET C 48 17.00 -1.38 23.94
CA MET C 48 17.87 -0.89 25.01
C MET C 48 19.26 -1.51 24.98
N GLY C 49 19.35 -2.83 24.92
CA GLY C 49 20.64 -3.47 24.96
C GLY C 49 20.52 -4.97 24.77
N TRP C 50 21.68 -5.61 24.63
CA TRP C 50 21.79 -7.05 24.46
C TRP C 50 22.89 -7.56 25.38
N ILE C 51 22.66 -8.73 25.98
CA ILE C 51 23.64 -9.35 26.89
C ILE C 51 23.76 -10.82 26.54
N SER C 52 24.99 -11.33 26.59
CA SER C 52 25.24 -12.75 26.43
C SER C 52 25.01 -13.46 27.76
N ALA C 53 24.12 -14.45 27.77
CA ALA C 53 23.88 -15.21 29.00
C ALA C 53 25.07 -16.09 29.36
N TYR C 54 25.94 -16.40 28.41
CA TYR C 54 27.13 -17.20 28.68
C TYR C 54 28.29 -16.35 29.18
N ASN C 55 28.56 -15.23 28.51
CA ASN C 55 29.72 -14.41 28.77
C ASN C 55 29.45 -13.32 29.81
N GLY C 56 28.36 -12.58 29.64
CA GLY C 56 28.16 -11.32 30.32
C GLY C 56 28.51 -10.12 29.47
N ASN C 57 28.99 -10.32 28.24
CA ASN C 57 29.28 -9.20 27.35
C ASN C 57 28.00 -8.47 26.99
N THR C 58 28.10 -7.14 26.87
CA THR C 58 26.94 -6.28 26.71
C THR C 58 27.15 -5.31 25.56
N ASN C 59 26.04 -4.94 24.93
CA ASN C 59 25.98 -3.85 23.97
C ASN C 59 24.81 -2.96 24.35
N TYR C 60 25.10 -1.70 24.66
CA TYR C 60 24.08 -0.78 25.17
C TYR C 60 23.73 0.25 24.10
N ALA C 61 22.46 0.66 24.10
CA ALA C 61 22.04 1.77 23.25
C ALA C 61 22.81 3.03 23.65
N GLN C 62 23.33 3.72 22.64
CA GLN C 62 24.19 4.88 22.90
C GLN C 62 23.42 5.98 23.62
N LYS C 63 22.17 6.20 23.26
CA LYS C 63 21.37 7.28 23.85
C LYS C 63 21.10 7.08 25.33
N LEU C 64 21.34 5.89 25.87
CA LEU C 64 21.17 5.67 27.30
C LEU C 64 22.34 6.21 28.12
N GLN C 65 23.46 6.56 27.46
CA GLN C 65 24.56 7.30 28.08
C GLN C 65 25.14 6.58 29.28
N GLY C 66 25.25 5.25 29.20
CA GLY C 66 25.82 4.49 30.29
C GLY C 66 25.03 4.52 31.57
N ARG C 67 23.74 4.88 31.49
CA ARG C 67 22.85 4.85 32.64
C ARG C 67 22.30 3.46 32.92
N VAL C 68 22.57 2.49 32.05
CA VAL C 68 22.00 1.15 32.14
C VAL C 68 23.12 0.15 32.33
N THR C 69 22.91 -0.80 33.23
CA THR C 69 23.81 -1.92 33.43
C THR C 69 22.98 -3.21 33.37
N MET C 70 23.39 -4.14 32.51
CA MET C 70 22.71 -5.42 32.37
C MET C 70 23.63 -6.53 32.85
N THR C 71 23.07 -7.42 33.67
CA THR C 71 23.79 -8.54 34.23
C THR C 71 22.96 -9.81 34.09
N THR C 72 23.63 -10.95 34.23
CA THR C 72 22.98 -12.24 34.24
C THR C 72 23.47 -13.03 35.44
N ASP C 73 22.65 -14.01 35.84
CA ASP C 73 22.98 -14.93 36.94
C ASP C 73 22.72 -16.34 36.42
N THR C 74 23.78 -17.01 35.98
CA THR C 74 23.61 -18.36 35.43
C THR C 74 23.26 -19.39 36.50
N SER C 75 23.40 -19.05 37.78
CA SER C 75 22.95 -19.96 38.83
C SER C 75 21.43 -20.07 38.85
N THR C 76 20.73 -18.99 38.50
CA THR C 76 19.28 -18.92 38.57
C THR C 76 18.63 -18.64 37.22
N SER C 77 19.42 -18.62 36.14
CA SER C 77 18.90 -18.35 34.79
C SER C 77 18.11 -17.05 34.75
N THR C 78 18.63 -16.02 35.40
CA THR C 78 17.95 -14.75 35.57
C THR C 78 18.77 -13.62 34.95
N ALA C 79 18.10 -12.74 34.21
CA ALA C 79 18.70 -11.53 33.66
C ALA C 79 18.20 -10.32 34.43
N TYR C 80 19.05 -9.30 34.51
CA TYR C 80 18.75 -8.09 35.27
C TYR C 80 19.02 -6.86 34.42
N MET C 81 18.15 -5.85 34.57
CA MET C 81 18.36 -4.53 33.97
C MET C 81 18.26 -3.47 35.05
N GLU C 82 19.33 -2.68 35.20
CA GLU C 82 19.38 -1.60 36.17
C GLU C 82 19.57 -0.27 35.45
N LEU C 83 18.64 0.66 35.68
CA LEU C 83 18.72 2.00 35.06
C LEU C 83 18.79 3.01 36.19
N ARG C 84 19.78 3.91 36.16
CA ARG C 84 20.00 4.86 37.26
C ARG C 84 19.73 6.28 36.78
N SER C 85 19.58 7.21 37.71
CA SER C 85 19.34 8.64 37.36
C SER C 85 18.05 8.73 36.56
N LEU C 86 16.98 8.14 37.08
CA LEU C 86 15.73 8.09 36.34
C LEU C 86 15.16 9.49 36.13
N ARG C 87 14.53 9.69 34.97
CA ARG C 87 13.80 10.91 34.66
C ARG C 87 12.44 10.55 34.11
N SER C 88 11.59 11.56 33.95
CA SER C 88 10.22 11.31 33.47
C SER C 88 10.22 10.65 32.11
N ASP C 89 11.25 10.89 31.29
CA ASP C 89 11.37 10.22 30.00
C ASP C 89 11.39 8.71 30.12
N ASP C 90 11.79 8.17 31.27
CA ASP C 90 11.99 6.75 31.45
C ASP C 90 10.71 6.02 31.85
N THR C 91 9.61 6.73 32.03
CA THR C 91 8.33 6.08 32.30
C THR C 91 7.94 5.23 31.09
N ALA C 92 7.99 3.91 31.24
CA ALA C 92 7.78 3.00 30.12
C ALA C 92 7.55 1.60 30.64
N VAL C 93 7.12 0.71 29.75
CA VAL C 93 7.06 -0.71 30.02
C VAL C 93 8.35 -1.35 29.51
N TYR C 94 9.02 -2.10 30.37
CA TYR C 94 10.31 -2.69 30.04
C TYR C 94 10.15 -4.19 29.78
N TYR C 95 10.69 -4.65 28.65
CA TYR C 95 10.60 -6.03 28.22
C TYR C 95 11.99 -6.65 28.15
N CYS C 96 12.05 -7.96 28.43
CA CYS C 96 13.23 -8.76 28.16
C CYS C 96 12.87 -9.82 27.12
N ALA C 97 13.80 -10.11 26.23
CA ALA C 97 13.57 -11.04 25.14
C ALA C 97 14.77 -11.97 25.00
N ARG C 98 14.56 -13.13 24.38
CA ARG C 98 15.58 -14.17 24.35
C ARG C 98 16.59 -14.00 23.22
N GLY C 99 16.16 -13.66 22.02
CA GLY C 99 17.03 -13.79 20.86
C GLY C 99 18.13 -12.74 20.78
N THR C 100 18.96 -12.89 19.74
CA THR C 100 20.02 -11.94 19.42
C THR C 100 19.76 -11.24 18.09
N VAL C 101 19.62 -11.98 17.00
CA VAL C 101 19.32 -11.38 15.71
C VAL C 101 17.90 -10.84 15.70
N TYR C 102 16.95 -11.67 16.11
CA TYR C 102 15.58 -11.26 16.36
C TYR C 102 15.17 -11.81 17.72
N PHE C 103 13.93 -11.56 18.13
CA PHE C 103 13.50 -11.89 19.48
C PHE C 103 12.23 -12.73 19.41
N ASP C 104 12.35 -14.02 19.73
CA ASP C 104 11.27 -14.97 19.55
C ASP C 104 10.44 -15.24 20.82
N TYR C 105 10.91 -14.81 21.99
CA TYR C 105 10.15 -14.97 23.22
C TYR C 105 10.33 -13.75 24.10
N TRP C 106 9.23 -13.28 24.66
CA TRP C 106 9.21 -12.01 25.38
C TRP C 106 8.64 -12.19 26.78
N GLY C 107 9.15 -11.40 27.72
CA GLY C 107 8.56 -11.32 29.03
C GLY C 107 7.25 -10.56 29.01
N GLN C 108 6.52 -10.64 30.12
CA GLN C 108 5.23 -9.97 30.21
C GLN C 108 5.34 -8.46 30.36
N GLY C 109 6.55 -7.94 30.59
CA GLY C 109 6.71 -6.51 30.75
C GLY C 109 6.67 -6.07 32.19
N THR C 110 7.37 -4.98 32.47
CA THR C 110 7.41 -4.37 33.80
C THR C 110 7.19 -2.87 33.64
N LEU C 111 6.13 -2.36 34.26
CA LEU C 111 5.84 -0.93 34.20
C LEU C 111 6.69 -0.20 35.22
N VAL C 112 7.48 0.76 34.77
CA VAL C 112 8.29 1.61 35.65
C VAL C 112 7.82 3.04 35.44
N THR C 113 7.11 3.58 36.41
CA THR C 113 6.61 4.96 36.35
C THR C 113 7.56 5.85 37.12
N VAL C 114 8.06 6.89 36.45
CA VAL C 114 9.00 7.85 37.04
C VAL C 114 8.32 9.20 37.10
N SER C 115 7.89 9.59 38.30
CA SER C 115 7.32 10.92 38.50
C SER C 115 7.58 11.34 39.93
N SER C 116 7.50 12.65 40.17
CA SER C 116 7.68 13.22 41.50
C SER C 116 6.42 13.09 42.35
N ALA C 117 5.32 12.60 41.78
CA ALA C 117 4.08 12.44 42.53
C ALA C 117 4.21 11.34 43.58
N SER C 118 3.30 11.37 44.55
CA SER C 118 3.26 10.41 45.63
C SER C 118 2.07 9.48 45.45
N THR C 119 2.22 8.24 45.94
CA THR C 119 1.16 7.25 45.81
C THR C 119 -0.10 7.72 46.52
N LYS C 120 -1.23 7.64 45.83
CA LYS C 120 -2.49 8.14 46.35
C LYS C 120 -3.63 7.26 45.85
N GLY C 121 -4.62 7.05 46.72
CA GLY C 121 -5.80 6.31 46.36
C GLY C 121 -6.80 7.17 45.62
N PRO C 122 -7.65 6.55 44.82
CA PRO C 122 -8.59 7.30 43.99
C PRO C 122 -9.82 7.76 44.75
N SER C 123 -10.41 8.83 44.27
CA SER C 123 -11.74 9.28 44.68
C SER C 123 -12.74 8.88 43.59
N VAL C 124 -13.77 8.15 43.98
CA VAL C 124 -14.77 7.63 43.05
C VAL C 124 -16.05 8.43 43.22
N PHE C 125 -16.55 8.99 42.11
CA PHE C 125 -17.75 9.78 42.10
C PHE C 125 -18.74 9.21 41.09
N PRO C 126 -20.04 9.31 41.35
CA PRO C 126 -21.02 8.73 40.43
C PRO C 126 -21.28 9.61 39.22
N LEU C 127 -21.54 8.94 38.09
CA LEU C 127 -21.98 9.59 36.86
C LEU C 127 -23.42 9.15 36.63
N ALA C 128 -24.36 10.00 37.01
CA ALA C 128 -25.75 9.54 36.99
C ALA C 128 -26.49 10.09 35.77
N PRO C 129 -27.42 9.30 35.22
CA PRO C 129 -28.22 9.73 34.06
C PRO C 129 -29.20 10.86 34.41
N GLY C 137 -35.01 5.85 25.50
CA GLY C 137 -34.69 4.49 25.13
C GLY C 137 -33.52 3.90 25.89
N THR C 138 -32.32 4.37 25.57
CA THR C 138 -31.09 3.90 26.20
C THR C 138 -30.55 4.96 27.14
N ALA C 139 -30.19 4.56 28.35
CA ALA C 139 -29.64 5.44 29.36
C ALA C 139 -28.24 5.00 29.73
N ALA C 140 -27.37 5.97 30.01
CA ALA C 140 -25.97 5.72 30.33
C ALA C 140 -25.66 6.19 31.74
N LEU C 141 -24.75 5.47 32.40
CA LEU C 141 -24.29 5.82 33.74
C LEU C 141 -22.89 5.25 33.91
N GLY C 142 -22.19 5.75 34.92
CA GLY C 142 -20.83 5.31 35.13
C GLY C 142 -20.25 5.81 36.42
N CYS C 143 -18.93 5.65 36.55
CA CYS C 143 -18.18 6.07 37.72
C CYS C 143 -16.95 6.84 37.28
N LEU C 144 -16.61 7.89 38.04
CA LEU C 144 -15.46 8.74 37.75
C LEU C 144 -14.36 8.45 38.76
N VAL C 145 -13.26 7.88 38.29
CA VAL C 145 -12.11 7.54 39.13
C VAL C 145 -11.06 8.62 38.94
N LYS C 146 -10.90 9.49 39.93
CA LYS C 146 -10.13 10.71 39.78
C LYS C 146 -9.07 10.83 40.86
N ASP C 147 -7.93 11.43 40.49
CA ASP C 147 -6.86 11.79 41.41
C ASP C 147 -6.28 10.58 42.12
N TYR C 148 -5.69 9.68 41.32
CA TYR C 148 -5.01 8.52 41.84
C TYR C 148 -3.64 8.39 41.19
N PHE C 149 -2.71 7.77 41.93
CA PHE C 149 -1.35 7.53 41.46
C PHE C 149 -0.76 6.44 42.32
N PRO C 150 -0.05 5.46 41.75
CA PRO C 150 0.18 5.33 40.30
C PRO C 150 -0.87 4.46 39.64
N GLU C 151 -0.71 4.24 38.33
CA GLU C 151 -1.53 3.27 37.63
C GLU C 151 -1.08 1.86 38.02
N PRO C 152 -1.94 0.84 37.81
CA PRO C 152 -3.26 0.86 37.17
C PRO C 152 -4.43 0.88 38.15
N VAL C 153 -5.61 1.15 37.60
CA VAL C 153 -6.88 1.01 38.30
C VAL C 153 -7.74 0.03 37.50
N THR C 154 -8.52 -0.77 38.22
CA THR C 154 -9.38 -1.77 37.60
C THR C 154 -10.82 -1.49 38.02
N VAL C 155 -11.74 -1.47 37.04
CA VAL C 155 -13.14 -1.18 37.28
C VAL C 155 -13.97 -2.36 36.78
N SER C 156 -14.82 -2.88 37.66
CA SER C 156 -15.77 -3.92 37.30
C SER C 156 -17.16 -3.48 37.73
N TRP C 157 -18.17 -3.89 36.96
CA TRP C 157 -19.55 -3.53 37.21
C TRP C 157 -20.30 -4.76 37.71
N ASN C 158 -20.91 -4.63 38.90
CA ASN C 158 -21.64 -5.72 39.53
C ASN C 158 -20.78 -6.97 39.67
N SER C 159 -19.52 -6.77 40.08
CA SER C 159 -18.58 -7.86 40.36
C SER C 159 -18.34 -8.74 39.12
N GLY C 160 -18.43 -8.16 37.93
CA GLY C 160 -18.25 -8.91 36.71
C GLY C 160 -19.52 -9.45 36.10
N ALA C 161 -20.67 -9.31 36.77
CA ALA C 161 -21.93 -9.79 36.20
C ALA C 161 -22.30 -9.02 34.93
N LEU C 162 -22.10 -7.71 34.95
CA LEU C 162 -22.46 -6.85 33.82
C LEU C 162 -21.21 -6.49 33.04
N THR C 163 -21.17 -6.90 31.77
CA THR C 163 -20.04 -6.59 30.90
C THR C 163 -20.43 -6.02 29.55
N SER C 164 -21.68 -6.18 29.10
CA SER C 164 -22.10 -5.68 27.81
C SER C 164 -22.40 -4.18 27.91
N GLY C 165 -21.75 -3.39 27.07
CA GLY C 165 -21.88 -1.95 27.10
C GLY C 165 -20.94 -1.25 28.06
N VAL C 166 -20.06 -1.99 28.73
CA VAL C 166 -19.14 -1.39 29.69
C VAL C 166 -17.92 -0.85 28.95
N HIS C 167 -17.68 0.45 29.09
CA HIS C 167 -16.52 1.11 28.50
C HIS C 167 -15.70 1.75 29.61
N THR C 168 -14.54 1.18 29.90
CA THR C 168 -13.59 1.74 30.85
C THR C 168 -12.47 2.39 30.05
N PHE C 169 -12.41 3.71 30.08
CA PHE C 169 -11.49 4.46 29.23
C PHE C 169 -10.06 4.38 29.74
N PRO C 170 -9.08 4.55 28.85
CA PRO C 170 -7.69 4.64 29.30
C PRO C 170 -7.49 5.84 30.20
N ALA C 171 -6.60 5.67 31.19
CA ALA C 171 -6.31 6.74 32.12
C ALA C 171 -5.60 7.89 31.40
N VAL C 172 -5.88 9.10 31.87
CA VAL C 172 -5.24 10.31 31.36
C VAL C 172 -4.46 10.94 32.51
N LEU C 173 -3.28 11.46 32.20
CA LEU C 173 -2.41 12.08 33.20
C LEU C 173 -2.73 13.56 33.24
N GLN C 174 -3.47 13.98 34.26
CA GLN C 174 -3.77 15.40 34.41
C GLN C 174 -2.56 16.12 34.98
N SER C 175 -2.59 17.46 34.88
CA SER C 175 -1.42 18.28 35.14
C SER C 175 -0.97 18.26 36.59
N SER C 176 -1.78 17.72 37.50
CA SER C 176 -1.41 17.63 38.91
C SER C 176 -0.50 16.45 39.19
N GLY C 177 -0.11 15.67 38.18
CA GLY C 177 0.69 14.49 38.37
C GLY C 177 -0.10 13.24 38.73
N LEU C 178 -1.41 13.36 38.91
CA LEU C 178 -2.26 12.22 39.23
C LEU C 178 -2.99 11.74 37.98
N TYR C 179 -3.49 10.51 38.05
CA TYR C 179 -4.26 9.92 36.95
C TYR C 179 -5.75 10.03 37.22
N SER C 180 -6.52 9.96 36.15
CA SER C 180 -7.97 9.99 36.25
C SER C 180 -8.57 9.33 35.01
N LEU C 181 -9.62 8.54 35.21
CA LEU C 181 -10.33 7.89 34.12
C LEU C 181 -11.79 7.74 34.50
N SER C 182 -12.61 7.39 33.51
CA SER C 182 -14.02 7.15 33.71
C SER C 182 -14.39 5.79 33.14
N SER C 183 -15.36 5.14 33.78
CA SER C 183 -15.93 3.89 33.30
C SER C 183 -17.43 4.06 33.17
N VAL C 184 -17.97 3.71 31.99
CA VAL C 184 -19.37 3.94 31.68
C VAL C 184 -20.00 2.65 31.18
N VAL C 185 -21.32 2.59 31.25
CA VAL C 185 -22.09 1.46 30.75
C VAL C 185 -23.47 1.96 30.36
N THR C 186 -23.98 1.47 29.23
CA THR C 186 -25.31 1.83 28.75
C THR C 186 -26.29 0.70 29.09
N VAL C 187 -27.46 1.09 29.59
CA VAL C 187 -28.48 0.13 30.03
C VAL C 187 -29.85 0.62 29.57
N PRO C 188 -30.82 -0.31 29.46
CA PRO C 188 -32.18 0.12 29.12
C PRO C 188 -32.73 1.07 30.17
N SER C 189 -33.55 2.03 29.70
CA SER C 189 -34.15 2.99 30.61
C SER C 189 -35.10 2.31 31.60
N SER C 190 -35.82 1.30 31.13
CA SER C 190 -36.79 0.61 31.99
C SER C 190 -36.11 -0.08 33.17
N SER C 191 -34.93 -0.65 32.94
CA SER C 191 -34.21 -1.38 33.99
C SER C 191 -33.59 -0.48 35.04
N LEU C 192 -33.89 0.81 35.06
CA LEU C 192 -33.31 1.71 36.06
C LEU C 192 -33.76 1.33 37.47
N GLY C 193 -35.03 0.97 37.63
CA GLY C 193 -35.57 0.62 38.93
C GLY C 193 -35.34 -0.82 39.33
N THR C 194 -35.54 -1.74 38.39
CA THR C 194 -35.45 -3.16 38.71
C THR C 194 -34.04 -3.56 39.13
N GLN C 195 -33.03 -3.05 38.44
CA GLN C 195 -31.65 -3.42 38.70
C GLN C 195 -30.90 -2.29 39.40
N THR C 196 -29.91 -2.66 40.22
CA THR C 196 -29.05 -1.72 40.89
C THR C 196 -27.63 -1.88 40.36
N TYR C 197 -26.99 -0.76 40.02
CA TYR C 197 -25.67 -0.77 39.39
C TYR C 197 -24.63 -0.23 40.37
N ILE C 198 -23.57 -1.02 40.58
CA ILE C 198 -22.43 -0.60 41.37
C ILE C 198 -21.16 -0.84 40.56
N CYS C 199 -20.14 -0.03 40.81
CA CYS C 199 -18.84 -0.18 40.18
C CYS C 199 -17.81 -0.55 41.24
N ASN C 200 -16.93 -1.47 40.88
CA ASN C 200 -15.89 -1.97 41.78
C ASN C 200 -14.55 -1.44 41.29
N VAL C 201 -13.97 -0.49 42.03
CA VAL C 201 -12.70 0.11 41.68
C VAL C 201 -11.61 -0.48 42.56
N ASN C 202 -10.56 -0.99 41.93
CA ASN C 202 -9.44 -1.62 42.62
C ASN C 202 -8.16 -0.88 42.25
N HIS C 203 -7.57 -0.19 43.23
CA HIS C 203 -6.28 0.47 43.08
C HIS C 203 -5.29 -0.26 43.98
N LYS C 204 -4.62 -1.27 43.41
CA LYS C 204 -3.71 -2.11 44.22
C LYS C 204 -2.60 -1.31 44.89
N PRO C 205 -1.86 -0.36 44.25
CA PRO C 205 -0.70 0.25 44.93
C PRO C 205 -1.04 1.05 46.18
N SER C 206 -2.33 1.20 46.48
CA SER C 206 -2.74 1.86 47.72
C SER C 206 -3.74 1.03 48.53
N ASN C 207 -3.94 -0.24 48.17
CA ASN C 207 -4.88 -1.13 48.85
C ASN C 207 -6.27 -0.51 48.91
N THR C 208 -6.76 -0.06 47.75
CA THR C 208 -8.03 0.63 47.64
C THR C 208 -9.06 -0.27 46.99
N LYS C 209 -10.22 -0.42 47.63
CA LYS C 209 -11.35 -1.16 47.08
C LYS C 209 -12.61 -0.34 47.37
N VAL C 210 -13.23 0.21 46.33
CA VAL C 210 -14.37 1.09 46.49
C VAL C 210 -15.52 0.56 45.63
N ASP C 211 -16.70 0.46 46.23
CA ASP C 211 -17.93 0.12 45.52
C ASP C 211 -18.91 1.28 45.69
N LYS C 212 -19.43 1.78 44.57
CA LYS C 212 -20.31 2.99 44.62
C LYS C 212 -21.54 2.86 43.72
N LYS C 213 -22.72 3.20 44.25
CA LYS C 213 -23.94 3.20 43.48
C LYS C 213 -23.95 4.33 42.46
N ALA C 214 -24.67 4.11 41.37
CA ALA C 214 -24.82 5.12 40.33
C ALA C 214 -26.17 5.01 39.65
N GLU D 1 24.47 2.96 11.99
CA GLU D 1 23.18 3.02 12.69
C GLU D 1 22.02 3.00 11.70
N ILE D 2 21.48 1.80 11.47
CA ILE D 2 20.36 1.65 10.54
C ILE D 2 19.13 2.37 11.08
N VAL D 3 18.42 3.05 10.20
CA VAL D 3 17.12 3.64 10.51
C VAL D 3 16.06 2.93 9.69
N LEU D 4 15.02 2.43 10.35
CA LEU D 4 13.93 1.72 9.70
C LEU D 4 12.72 2.64 9.65
N THR D 5 12.41 3.14 8.46
CA THR D 5 11.21 3.95 8.24
C THR D 5 10.08 3.03 7.79
N GLN D 6 8.94 3.14 8.48
CA GLN D 6 7.82 2.24 8.28
C GLN D 6 6.62 3.03 7.75
N SER D 7 6.04 2.56 6.65
CA SER D 7 4.92 3.23 6.02
C SER D 7 3.83 2.22 5.70
N PRO D 8 2.55 2.61 5.82
CA PRO D 8 2.09 3.90 6.32
C PRO D 8 2.02 3.93 7.85
N ALA D 9 1.83 5.12 8.44
CA ALA D 9 1.70 5.19 9.88
C ALA D 9 0.42 4.51 10.37
N THR D 10 -0.69 4.69 9.66
CA THR D 10 -1.96 4.09 10.00
C THR D 10 -2.61 3.51 8.75
N LEU D 11 -3.30 2.38 8.91
CA LEU D 11 -3.94 1.68 7.81
C LEU D 11 -5.33 1.24 8.22
N SER D 12 -6.33 1.60 7.41
CA SER D 12 -7.72 1.22 7.65
C SER D 12 -8.21 0.39 6.48
N LEU D 13 -8.34 -0.91 6.69
CA LEU D 13 -8.79 -1.81 5.60
C LEU D 13 -10.03 -2.54 6.08
N SER D 14 -10.97 -2.80 5.17
CA SER D 14 -12.17 -3.57 5.47
C SER D 14 -11.79 -5.04 5.68
N PRO D 15 -12.61 -5.78 6.44
CA PRO D 15 -12.31 -7.21 6.64
C PRO D 15 -12.30 -7.96 5.33
N GLY D 16 -11.40 -8.94 5.24
CA GLY D 16 -11.23 -9.73 4.04
C GLY D 16 -10.34 -9.12 2.97
N GLU D 17 -9.82 -7.92 3.21
CA GLU D 17 -9.00 -7.23 2.22
C GLU D 17 -7.52 -7.42 2.53
N ARG D 18 -6.67 -6.88 1.65
CA ARG D 18 -5.24 -7.16 1.66
C ARG D 18 -4.47 -5.92 2.09
N ALA D 19 -3.65 -6.06 3.13
CA ALA D 19 -2.86 -4.96 3.66
C ALA D 19 -1.40 -5.11 3.24
N THR D 20 -0.78 -3.98 2.89
CA THR D 20 0.61 -3.94 2.46
C THR D 20 1.37 -2.95 3.35
N LEU D 21 2.27 -3.48 4.17
CA LEU D 21 3.02 -2.69 5.13
C LEU D 21 4.49 -2.64 4.70
N SER D 22 5.05 -1.44 4.64
CA SER D 22 6.40 -1.23 4.14
C SER D 22 7.37 -0.99 5.29
N CYS D 23 8.65 -1.30 5.05
CA CYS D 23 9.71 -1.10 6.03
C CYS D 23 10.99 -0.77 5.26
N ARG D 24 11.26 0.51 5.08
CA ARG D 24 12.48 0.96 4.40
C ARG D 24 13.65 0.94 5.37
N ALA D 25 14.83 0.61 4.85
CA ALA D 25 16.06 0.60 5.64
C ALA D 25 17.04 1.60 5.04
N SER D 26 17.64 2.42 5.90
CA SER D 26 18.55 3.46 5.43
C SER D 26 19.82 2.88 4.82
N GLN D 27 20.16 1.63 5.12
CA GLN D 27 21.25 0.91 4.47
C GLN D 27 20.78 -0.48 4.12
N SER D 28 21.50 -1.12 3.18
CA SER D 28 21.13 -2.45 2.73
C SER D 28 21.21 -3.45 3.88
N LEU D 29 20.28 -4.39 3.89
CA LEU D 29 20.22 -5.43 4.91
C LEU D 29 20.19 -6.80 4.24
N SER D 30 20.84 -7.78 4.87
CA SER D 30 20.70 -9.16 4.46
C SER D 30 19.38 -9.72 4.98
N ARG D 31 18.83 -10.69 4.25
CA ARG D 31 17.46 -11.13 4.50
C ARG D 31 17.32 -11.77 5.88
N ASN D 32 18.37 -12.39 6.40
CA ASN D 32 18.29 -13.02 7.71
C ASN D 32 18.21 -12.00 8.85
N HIS D 33 18.39 -10.72 8.57
CA HIS D 33 18.51 -9.70 9.60
C HIS D 33 17.25 -8.84 9.72
N LEU D 34 16.15 -9.20 9.08
CA LEU D 34 14.90 -8.46 9.18
C LEU D 34 13.83 -9.37 9.76
N ALA D 35 13.11 -8.87 10.76
CA ALA D 35 12.04 -9.62 11.41
C ALA D 35 10.85 -8.69 11.64
N TRP D 36 9.68 -9.31 11.75
CA TRP D 36 8.42 -8.60 11.90
C TRP D 36 7.74 -8.97 13.21
N TYR D 37 7.12 -7.99 13.87
CA TYR D 37 6.49 -8.19 15.16
C TYR D 37 5.07 -7.67 15.15
N GLN D 38 4.20 -8.36 15.89
CA GLN D 38 2.82 -7.95 16.10
C GLN D 38 2.63 -7.64 17.58
N GLN D 39 2.02 -6.50 17.88
CA GLN D 39 1.73 -6.12 19.26
C GLN D 39 0.29 -5.62 19.34
N LYS D 40 -0.53 -6.34 20.08
CA LYS D 40 -1.89 -5.92 20.41
C LYS D 40 -1.86 -5.04 21.65
N PRO D 41 -2.87 -4.17 21.81
CA PRO D 41 -2.85 -3.23 22.94
C PRO D 41 -2.80 -3.94 24.28
N GLY D 42 -1.83 -3.55 25.10
CA GLY D 42 -1.68 -4.10 26.44
C GLY D 42 -1.03 -5.46 26.52
N GLN D 43 -0.39 -5.93 25.46
CA GLN D 43 0.23 -7.25 25.42
C GLN D 43 1.66 -7.15 24.91
N PRO D 44 2.53 -8.08 25.30
CA PRO D 44 3.91 -8.03 24.81
C PRO D 44 3.97 -8.29 23.32
N PRO D 45 4.99 -7.77 22.64
CA PRO D 45 5.10 -8.00 21.19
C PRO D 45 5.22 -9.49 20.87
N ARG D 46 4.57 -9.89 19.79
CA ARG D 46 4.56 -11.27 19.32
C ARG D 46 5.32 -11.35 18.00
N LEU D 47 6.32 -12.23 17.93
CA LEU D 47 7.11 -12.38 16.73
C LEU D 47 6.33 -13.13 15.67
N LEU D 48 6.23 -12.55 14.47
CA LEU D 48 5.50 -13.14 13.36
C LEU D 48 6.43 -13.84 12.38
N ILE D 49 7.40 -13.10 11.84
CA ILE D 49 8.24 -13.59 10.76
C ILE D 49 9.69 -13.24 11.07
N HIS D 50 10.59 -14.20 10.85
CA HIS D 50 12.02 -13.96 10.93
C HIS D 50 12.67 -14.30 9.60
N TRP D 51 13.87 -13.76 9.40
CA TRP D 51 14.60 -13.87 8.13
C TRP D 51 13.78 -13.29 6.97
N ALA D 52 12.89 -12.35 7.30
CA ALA D 52 12.15 -11.54 6.35
C ALA D 52 11.07 -12.31 5.60
N SER D 53 11.10 -13.65 5.65
CA SER D 53 10.03 -14.41 5.00
C SER D 53 9.50 -15.59 5.81
N THR D 54 10.18 -16.04 6.86
CA THR D 54 9.85 -17.29 7.53
C THR D 54 8.96 -16.99 8.74
N ARG D 55 7.69 -17.36 8.66
CA ARG D 55 6.81 -17.19 9.79
C ARG D 55 7.09 -18.23 10.87
N GLU D 56 6.72 -17.89 12.09
CA GLU D 56 6.90 -18.80 13.21
C GLU D 56 5.83 -19.88 13.19
N SER D 57 6.06 -20.92 14.00
CA SER D 57 5.06 -21.94 14.20
C SER D 57 3.81 -21.33 14.81
N GLY D 58 2.65 -21.64 14.23
CA GLY D 58 1.38 -21.12 14.67
C GLY D 58 0.95 -19.83 13.98
N VAL D 59 1.87 -19.13 13.33
CA VAL D 59 1.49 -17.91 12.60
C VAL D 59 0.74 -18.31 11.34
N PRO D 60 -0.46 -17.76 11.10
CA PRO D 60 -1.22 -18.14 9.91
C PRO D 60 -0.51 -17.71 8.64
N ASP D 61 -0.78 -18.45 7.55
CA ASP D 61 -0.15 -18.17 6.27
C ASP D 61 -0.63 -16.86 5.66
N ARG D 62 -1.66 -16.23 6.23
CA ARG D 62 -2.11 -14.93 5.73
C ARG D 62 -1.02 -13.87 5.86
N PHE D 63 -0.09 -14.05 6.80
CA PHE D 63 1.03 -13.15 6.97
C PHE D 63 2.22 -13.67 6.18
N SER D 64 2.65 -12.92 5.18
CA SER D 64 3.82 -13.30 4.40
C SER D 64 4.73 -12.09 4.27
N GLY D 65 6.03 -12.33 4.42
CA GLY D 65 7.03 -11.28 4.32
C GLY D 65 7.89 -11.47 3.09
N SER D 66 8.37 -10.36 2.55
CA SER D 66 9.21 -10.39 1.36
C SER D 66 10.12 -9.18 1.38
N GLY D 67 11.08 -9.16 0.46
CA GLY D 67 11.95 -8.03 0.27
C GLY D 67 13.42 -8.41 0.37
N SER D 68 14.25 -7.46 -0.07
CA SER D 68 15.70 -7.60 -0.01
C SER D 68 16.29 -6.19 -0.01
N GLY D 69 17.57 -6.12 0.36
CA GLY D 69 18.26 -4.84 0.35
C GLY D 69 17.70 -3.84 1.33
N THR D 70 17.06 -2.80 0.81
CA THR D 70 16.52 -1.72 1.64
C THR D 70 15.00 -1.66 1.64
N ASP D 71 14.33 -2.66 1.07
CA ASP D 71 12.87 -2.66 0.98
C ASP D 71 12.35 -4.01 1.46
N PHE D 72 11.49 -3.98 2.48
CA PHE D 72 10.88 -5.18 3.02
C PHE D 72 9.39 -4.91 3.25
N THR D 73 8.58 -5.95 3.11
CA THR D 73 7.13 -5.82 3.13
C THR D 73 6.50 -6.93 3.94
N LEU D 74 5.49 -6.59 4.72
CA LEU D 74 4.63 -7.56 5.40
C LEU D 74 3.23 -7.43 4.79
N THR D 75 2.69 -8.55 4.30
CA THR D 75 1.40 -8.56 3.62
C THR D 75 0.42 -9.43 4.39
N ILE D 76 -0.74 -8.87 4.69
CA ILE D 76 -1.84 -9.59 5.34
C ILE D 76 -2.92 -9.79 4.27
N SER D 77 -3.04 -11.03 3.78
CA SER D 77 -3.85 -11.26 2.59
C SER D 77 -5.34 -11.04 2.84
N SER D 78 -5.87 -11.63 3.91
CA SER D 78 -7.30 -11.58 4.22
C SER D 78 -7.45 -11.05 5.64
N LEU D 79 -7.53 -9.73 5.77
CA LEU D 79 -7.51 -9.09 7.09
C LEU D 79 -8.68 -9.55 7.95
N GLN D 80 -8.38 -9.92 9.19
CA GLN D 80 -9.36 -10.39 10.14
C GLN D 80 -9.51 -9.39 11.28
N ALA D 81 -10.63 -9.50 12.00
CA ALA D 81 -10.87 -8.61 13.13
C ALA D 81 -9.91 -8.87 14.28
N GLU D 82 -9.23 -10.03 14.29
CA GLU D 82 -8.24 -10.33 15.30
C GLU D 82 -6.85 -9.83 14.94
N ASP D 83 -6.69 -9.19 13.78
CA ASP D 83 -5.41 -8.70 13.33
C ASP D 83 -5.20 -7.22 13.67
N VAL D 84 -6.14 -6.59 14.36
CA VAL D 84 -6.00 -5.18 14.74
C VAL D 84 -4.86 -5.07 15.75
N ALA D 85 -3.76 -4.44 15.34
CA ALA D 85 -2.56 -4.34 16.17
C ALA D 85 -1.64 -3.31 15.54
N VAL D 86 -0.47 -3.13 16.16
CA VAL D 86 0.61 -2.34 15.60
C VAL D 86 1.71 -3.32 15.18
N TYR D 87 2.23 -3.14 13.98
CA TYR D 87 3.19 -4.05 13.39
C TYR D 87 4.54 -3.36 13.27
N TYR D 88 5.58 -4.00 13.82
CA TYR D 88 6.93 -3.44 13.89
C TYR D 88 7.89 -4.33 13.12
N CYS D 89 8.81 -3.69 12.39
CA CYS D 89 9.93 -4.38 11.76
C CYS D 89 11.20 -4.07 12.53
N GLN D 90 12.06 -5.09 12.71
CA GLN D 90 13.28 -4.97 13.48
C GLN D 90 14.45 -5.51 12.69
N GLN D 91 15.59 -4.83 12.78
CA GLN D 91 16.80 -5.24 12.09
C GLN D 91 17.94 -5.43 13.09
N HIS D 92 18.94 -6.19 12.66
CA HIS D 92 20.18 -6.35 13.43
C HIS D 92 21.33 -6.51 12.44
N THR D 93 22.25 -5.57 12.44
CA THR D 93 23.36 -5.56 11.47
C THR D 93 24.62 -5.07 12.15
N GLN D 94 25.57 -5.97 12.37
CA GLN D 94 26.92 -5.62 12.83
C GLN D 94 26.87 -4.78 14.11
N ASN D 95 26.38 -5.43 15.17
CA ASN D 95 26.29 -4.84 16.50
C ASN D 95 25.41 -3.59 16.53
N THR D 96 24.34 -3.59 15.73
CA THR D 96 23.33 -2.55 15.80
C THR D 96 21.95 -3.20 15.81
N TRP D 97 21.06 -2.64 16.61
CA TRP D 97 19.67 -3.08 16.70
C TRP D 97 18.78 -1.86 16.65
N THR D 98 17.78 -1.88 15.77
CA THR D 98 16.80 -0.80 15.71
C THR D 98 15.43 -1.36 15.41
N PHE D 99 14.41 -0.57 15.76
CA PHE D 99 13.03 -0.89 15.49
C PHE D 99 12.42 0.18 14.60
N GLY D 100 11.47 -0.23 13.76
CA GLY D 100 10.68 0.73 13.02
C GLY D 100 9.63 1.39 13.88
N GLN D 101 9.12 2.53 13.41
CA GLN D 101 8.14 3.28 14.18
C GLN D 101 6.81 2.54 14.30
N GLY D 102 6.54 1.59 13.41
CA GLY D 102 5.35 0.77 13.50
C GLY D 102 4.24 1.27 12.59
N THR D 103 3.32 0.35 12.27
CA THR D 103 2.13 0.66 11.49
C THR D 103 0.92 0.12 12.25
N LYS D 104 -0.04 1.00 12.53
CA LYS D 104 -1.25 0.61 13.24
C LYS D 104 -2.31 0.21 12.22
N VAL D 105 -2.69 -1.06 12.22
CA VAL D 105 -3.69 -1.58 11.30
C VAL D 105 -5.07 -1.47 11.95
N GLU D 106 -5.99 -0.86 11.23
CA GLU D 106 -7.35 -0.62 11.77
C GLU D 106 -8.38 -1.33 10.90
N ILE D 107 -9.47 -1.77 11.49
CA ILE D 107 -10.58 -2.42 10.80
C ILE D 107 -11.58 -1.36 10.36
N LYS D 108 -11.98 -1.40 9.10
CA LYS D 108 -12.93 -0.45 8.53
C LYS D 108 -14.34 -1.01 8.58
N ARG D 109 -15.30 -0.16 8.96
CA ARG D 109 -16.70 -0.53 9.00
C ARG D 109 -17.51 0.62 8.39
N THR D 110 -18.84 0.46 8.39
CA THR D 110 -19.70 1.54 7.93
C THR D 110 -19.72 2.66 8.96
N VAL D 111 -20.03 3.87 8.47
CA VAL D 111 -20.08 5.04 9.36
C VAL D 111 -21.21 4.87 10.36
N ALA D 112 -20.91 5.15 11.63
CA ALA D 112 -21.89 5.07 12.69
C ALA D 112 -21.81 6.35 13.53
N ALA D 113 -22.95 7.02 13.69
CA ALA D 113 -22.98 8.24 14.48
C ALA D 113 -22.88 7.92 15.96
N PRO D 114 -22.22 8.78 16.74
CA PRO D 114 -22.13 8.55 18.18
C PRO D 114 -23.41 8.93 18.90
N SER D 115 -23.69 8.19 19.97
CA SER D 115 -24.73 8.56 20.91
C SER D 115 -24.09 9.35 22.03
N VAL D 116 -24.53 10.60 22.23
CA VAL D 116 -23.87 11.54 23.12
C VAL D 116 -24.64 11.64 24.42
N PHE D 117 -23.92 11.53 25.54
CA PHE D 117 -24.47 11.72 26.87
C PHE D 117 -23.62 12.75 27.61
N ILE D 118 -24.22 13.39 28.61
CA ILE D 118 -23.54 14.41 29.40
C ILE D 118 -23.87 14.17 30.87
N PHE D 119 -22.88 14.37 31.74
CA PHE D 119 -23.01 14.07 33.16
C PHE D 119 -22.65 15.30 33.97
N PRO D 120 -23.56 15.83 34.79
CA PRO D 120 -23.21 16.91 35.71
C PRO D 120 -22.30 16.41 36.81
N PRO D 121 -21.56 17.29 37.47
CA PRO D 121 -20.78 16.87 38.63
C PRO D 121 -21.67 16.41 39.77
N SER D 122 -21.15 15.49 40.56
CA SER D 122 -21.86 15.07 41.77
C SER D 122 -21.78 16.16 42.82
N ASP D 123 -22.89 16.35 43.56
CA ASP D 123 -22.90 17.29 44.67
C ASP D 123 -21.80 16.99 45.69
N GLU D 124 -21.28 15.77 45.67
CA GLU D 124 -20.27 15.29 46.59
C GLU D 124 -18.85 15.65 46.16
N GLN D 125 -18.58 15.65 44.84
CA GLN D 125 -17.28 16.11 44.37
C GLN D 125 -17.08 17.61 44.60
N LEU D 126 -18.17 18.38 44.54
CA LEU D 126 -18.07 19.83 44.75
C LEU D 126 -17.54 20.17 46.13
N LYS D 127 -17.76 19.29 47.12
CA LYS D 127 -17.20 19.53 48.44
C LYS D 127 -15.67 19.57 48.40
N SER D 128 -15.05 18.78 47.52
CA SER D 128 -13.61 18.80 47.36
C SER D 128 -13.08 20.06 46.71
N GLY D 129 -13.95 20.90 46.14
CA GLY D 129 -13.54 22.15 45.55
C GLY D 129 -13.32 22.14 44.05
N THR D 130 -13.64 21.04 43.37
CA THR D 130 -13.51 20.98 41.92
C THR D 130 -14.73 20.28 41.34
N ALA D 131 -15.08 20.66 40.11
CA ALA D 131 -16.23 20.12 39.40
C ALA D 131 -15.76 19.46 38.11
N SER D 132 -16.26 18.26 37.84
CA SER D 132 -15.90 17.51 36.65
C SER D 132 -17.17 17.22 35.86
N VAL D 133 -17.27 17.79 34.66
CA VAL D 133 -18.37 17.53 33.75
C VAL D 133 -17.88 16.59 32.66
N VAL D 134 -18.59 15.49 32.45
CA VAL D 134 -18.16 14.41 31.57
C VAL D 134 -19.12 14.31 30.40
N CYS D 135 -18.58 14.22 29.19
CA CYS D 135 -19.37 14.00 27.98
C CYS D 135 -18.98 12.66 27.38
N LEU D 136 -19.98 11.84 27.08
CA LEU D 136 -19.76 10.49 26.59
C LEU D 136 -20.17 10.39 25.12
N LEU D 137 -19.27 9.84 24.30
CA LEU D 137 -19.55 9.52 22.90
C LEU D 137 -19.41 8.02 22.75
N ASN D 138 -20.49 7.34 22.40
CA ASN D 138 -20.56 5.88 22.44
C ASN D 138 -20.75 5.31 21.04
N ASN D 139 -19.94 4.29 20.71
CA ASN D 139 -20.14 3.40 19.57
C ASN D 139 -20.24 4.18 18.25
N PHE D 140 -19.13 4.81 17.89
CA PHE D 140 -19.05 5.58 16.66
C PHE D 140 -17.86 5.13 15.83
N TYR D 141 -17.97 5.34 14.53
CA TYR D 141 -16.86 5.07 13.57
C TYR D 141 -17.12 6.01 12.40
N PRO D 142 -16.11 6.71 11.83
CA PRO D 142 -14.71 6.58 12.20
C PRO D 142 -14.29 7.27 13.50
N ARG D 143 -13.05 7.06 13.94
CA ARG D 143 -12.57 7.62 15.24
C ARG D 143 -12.58 9.14 15.23
N GLU D 144 -12.29 9.76 14.10
CA GLU D 144 -12.21 11.24 14.03
C GLU D 144 -13.52 11.85 14.51
N ALA D 145 -13.45 12.62 15.58
CA ALA D 145 -14.62 13.30 16.12
C ALA D 145 -14.15 14.47 16.97
N LYS D 146 -14.78 15.64 16.77
CA LYS D 146 -14.41 16.85 17.49
C LYS D 146 -15.44 17.12 18.59
N VAL D 147 -14.97 17.23 19.83
CA VAL D 147 -15.82 17.49 20.98
C VAL D 147 -15.44 18.85 21.54
N GLN D 148 -16.43 19.75 21.64
CA GLN D 148 -16.20 21.09 22.13
C GLN D 148 -17.12 21.39 23.31
N TRP D 149 -16.59 22.09 24.30
CA TRP D 149 -17.33 22.45 25.49
C TRP D 149 -17.72 23.92 25.42
N LYS D 150 -18.99 24.21 25.72
CA LYS D 150 -19.48 25.57 25.78
C LYS D 150 -20.14 25.79 27.13
N VAL D 151 -19.66 26.79 27.86
CA VAL D 151 -20.21 27.16 29.16
C VAL D 151 -20.81 28.55 29.02
N ASP D 152 -22.11 28.66 29.30
CA ASP D 152 -22.86 29.89 29.03
C ASP D 152 -22.67 30.33 27.58
N ASN D 153 -22.71 29.34 26.67
CA ASN D 153 -22.54 29.57 25.23
C ASN D 153 -21.19 30.20 24.89
N ALA D 154 -20.18 29.93 25.70
CA ALA D 154 -18.82 30.40 25.46
C ALA D 154 -17.91 29.22 25.20
N LEU D 155 -17.28 29.19 24.03
CA LEU D 155 -16.38 28.09 23.68
C LEU D 155 -15.22 28.01 24.66
N GLN D 156 -14.98 26.82 25.20
CA GLN D 156 -13.94 26.59 26.19
C GLN D 156 -12.65 26.16 25.51
N SER D 157 -11.52 26.45 26.17
CA SER D 157 -10.22 26.12 25.63
C SER D 157 -9.27 25.78 26.77
N GLY D 158 -8.66 24.60 26.71
CA GLY D 158 -7.58 24.24 27.60
C GLY D 158 -7.99 23.69 28.95
N ASN D 159 -9.26 23.36 29.16
CA ASN D 159 -9.71 22.82 30.44
C ASN D 159 -10.51 21.53 30.24
N SER D 160 -10.20 20.77 29.19
CA SER D 160 -10.85 19.48 28.96
C SER D 160 -9.84 18.50 28.41
N GLN D 161 -10.03 17.22 28.74
CA GLN D 161 -9.16 16.14 28.31
C GLN D 161 -9.99 15.00 27.74
N GLU D 162 -9.47 14.35 26.71
CA GLU D 162 -10.15 13.27 26.02
C GLU D 162 -9.48 11.94 26.30
N SER D 163 -10.26 10.87 26.13
CA SER D 163 -9.74 9.51 26.23
C SER D 163 -10.60 8.61 25.36
N VAL D 164 -9.98 7.67 24.67
CA VAL D 164 -10.65 6.84 23.67
C VAL D 164 -10.33 5.37 23.92
N THR D 165 -11.34 4.53 23.83
CA THR D 165 -11.15 3.09 23.93
C THR D 165 -10.52 2.54 22.65
N GLU D 166 -10.06 1.30 22.73
CA GLU D 166 -9.64 0.60 21.53
C GLU D 166 -10.85 0.20 20.69
N GLN D 167 -10.61 -0.17 19.44
CA GLN D 167 -11.70 -0.60 18.59
C GLN D 167 -12.36 -1.86 19.15
N ASP D 168 -13.68 -1.81 19.27
CA ASP D 168 -14.41 -2.93 19.85
C ASP D 168 -14.32 -4.16 18.98
N SER D 169 -14.20 -5.32 19.61
CA SER D 169 -14.12 -6.57 18.85
C SER D 169 -15.45 -6.88 18.15
N LYS D 170 -16.57 -6.56 18.80
CA LYS D 170 -17.87 -6.95 18.27
C LYS D 170 -18.24 -6.13 17.04
N ASP D 171 -18.40 -4.81 17.20
CA ASP D 171 -18.90 -3.95 16.14
C ASP D 171 -17.85 -3.02 15.57
N SER D 172 -16.58 -3.12 16.00
CA SER D 172 -15.48 -2.36 15.42
C SER D 172 -15.70 -0.85 15.52
N THR D 173 -16.31 -0.41 16.61
CA THR D 173 -16.59 0.99 16.85
C THR D 173 -15.67 1.54 17.93
N TYR D 174 -15.77 2.85 18.16
CA TYR D 174 -15.01 3.55 19.17
C TYR D 174 -15.95 4.25 20.15
N SER D 175 -15.43 4.49 21.36
CA SER D 175 -16.12 5.28 22.35
C SER D 175 -15.15 6.27 22.95
N LEU D 176 -15.65 7.48 23.25
CA LEU D 176 -14.80 8.58 23.67
C LEU D 176 -15.41 9.27 24.88
N SER D 177 -14.54 9.68 25.81
CA SER D 177 -14.95 10.49 26.95
C SER D 177 -14.22 11.84 26.89
N SER D 178 -14.93 12.90 27.25
CA SER D 178 -14.35 14.22 27.36
C SER D 178 -14.78 14.84 28.68
N THR D 179 -13.81 15.29 29.47
CA THR D 179 -14.06 15.75 30.83
C THR D 179 -13.62 17.20 30.97
N LEU D 180 -14.56 18.06 31.38
CA LEU D 180 -14.28 19.47 31.65
C LEU D 180 -14.10 19.66 33.15
N THR D 181 -13.03 20.32 33.55
CA THR D 181 -12.69 20.51 34.95
C THR D 181 -12.72 21.99 35.31
N LEU D 182 -13.49 22.33 36.35
CA LEU D 182 -13.61 23.69 36.84
C LEU D 182 -13.49 23.68 38.36
N SER D 183 -13.12 24.83 38.91
CA SER D 183 -13.17 25.00 40.36
C SER D 183 -14.63 25.09 40.80
N LYS D 184 -14.85 24.85 42.10
CA LYS D 184 -16.20 24.89 42.63
C LYS D 184 -16.82 26.29 42.47
N ALA D 185 -16.04 27.33 42.76
CA ALA D 185 -16.55 28.69 42.65
C ALA D 185 -16.90 29.05 41.21
N ASP D 186 -16.02 28.68 40.27
CA ASP D 186 -16.28 29.00 38.86
C ASP D 186 -17.45 28.20 38.32
N TYR D 187 -17.59 26.95 38.75
CA TYR D 187 -18.68 26.11 38.27
C TYR D 187 -20.04 26.69 38.68
N GLU D 188 -20.16 27.09 39.94
CA GLU D 188 -21.41 27.66 40.44
C GLU D 188 -21.69 29.03 39.85
N LYS D 189 -20.73 29.62 39.16
CA LYS D 189 -20.87 30.93 38.53
C LYS D 189 -21.55 30.87 37.17
N HIS D 190 -21.88 29.67 36.68
CA HIS D 190 -22.39 29.52 35.32
C HIS D 190 -23.58 28.58 35.32
N LYS D 191 -24.40 28.70 34.29
CA LYS D 191 -25.70 28.04 34.22
C LYS D 191 -25.76 26.93 33.19
N VAL D 192 -25.41 27.21 31.93
CA VAL D 192 -25.57 26.26 30.83
C VAL D 192 -24.23 25.60 30.55
N TYR D 193 -24.22 24.26 30.58
CA TYR D 193 -23.03 23.47 30.31
C TYR D 193 -23.33 22.56 29.13
N ALA D 194 -22.70 22.82 27.99
CA ALA D 194 -23.03 22.16 26.74
C ALA D 194 -21.80 21.44 26.19
N CYS D 195 -22.05 20.32 25.50
CA CYS D 195 -21.03 19.51 24.87
C CYS D 195 -21.42 19.33 23.41
N GLU D 196 -20.70 19.97 22.50
CA GLU D 196 -21.01 19.96 21.08
C GLU D 196 -20.12 18.95 20.36
N VAL D 197 -20.74 18.04 19.63
CA VAL D 197 -20.06 16.91 19.02
C VAL D 197 -20.16 17.00 17.51
N THR D 198 -19.02 16.94 16.83
CA THR D 198 -18.96 16.95 15.38
C THR D 198 -18.40 15.61 14.90
N HIS D 199 -19.16 14.92 14.05
CA HIS D 199 -18.76 13.63 13.51
C HIS D 199 -19.25 13.50 12.08
N GLN D 200 -18.60 12.63 11.32
CA GLN D 200 -18.93 12.48 9.90
C GLN D 200 -20.35 11.95 9.72
N GLY D 201 -20.79 11.06 10.62
CA GLY D 201 -22.13 10.52 10.55
C GLY D 201 -23.22 11.45 11.02
N LEU D 202 -22.86 12.61 11.56
CA LEU D 202 -23.82 13.62 11.98
C LEU D 202 -23.86 14.72 10.93
N SER D 203 -25.04 14.91 10.31
CA SER D 203 -25.19 15.95 9.30
C SER D 203 -24.96 17.33 9.89
N SER D 204 -25.38 17.53 11.13
CA SER D 204 -25.13 18.75 11.88
C SER D 204 -24.62 18.39 13.26
N PRO D 205 -23.84 19.27 13.89
CA PRO D 205 -23.32 18.98 15.23
C PRO D 205 -24.46 18.78 16.23
N VAL D 206 -24.20 17.89 17.19
CA VAL D 206 -25.18 17.52 18.22
C VAL D 206 -24.72 18.10 19.54
N THR D 207 -25.60 18.82 20.21
CA THR D 207 -25.32 19.47 21.48
C THR D 207 -26.15 18.83 22.58
N LYS D 208 -25.48 18.35 23.62
CA LYS D 208 -26.15 17.85 24.82
C LYS D 208 -25.76 18.77 25.98
N SER D 209 -26.76 19.35 26.65
CA SER D 209 -26.51 20.35 27.66
C SER D 209 -27.39 20.10 28.86
N PHE D 210 -27.11 20.83 29.94
CA PHE D 210 -27.94 20.84 31.12
C PHE D 210 -27.80 22.19 31.81
N ASN D 211 -28.80 22.54 32.60
CA ASN D 211 -28.78 23.74 33.41
C ASN D 211 -28.40 23.36 34.83
N ARG D 212 -27.45 24.10 35.41
CA ARG D 212 -26.95 23.78 36.74
C ARG D 212 -28.06 23.91 37.76
N GLY D 213 -28.57 22.78 38.23
CA GLY D 213 -29.73 22.72 39.09
C GLY D 213 -30.98 22.32 38.31
N GLU D 214 -31.35 21.05 38.40
CA GLU D 214 -32.48 20.52 37.64
C GLU D 214 -33.13 19.35 38.36
N GLN E 1 5.33 -10.26 -36.93
CA GLN E 1 5.04 -9.01 -36.22
C GLN E 1 3.56 -8.67 -36.30
N VAL E 2 2.83 -8.97 -35.23
CA VAL E 2 1.39 -8.70 -35.21
C VAL E 2 1.16 -7.21 -35.08
N GLN E 3 0.40 -6.63 -36.01
CA GLN E 3 0.13 -5.21 -36.01
C GLN E 3 -1.34 -4.97 -36.29
N LEU E 4 -1.87 -3.88 -35.72
CA LEU E 4 -3.25 -3.45 -35.95
C LEU E 4 -3.20 -1.95 -36.23
N VAL E 5 -3.24 -1.59 -37.50
CA VAL E 5 -3.20 -0.19 -37.91
C VAL E 5 -4.64 0.30 -38.08
N GLN E 6 -4.96 1.43 -37.45
CA GLN E 6 -6.31 1.94 -37.40
C GLN E 6 -6.46 3.16 -38.31
N SER E 7 -7.71 3.44 -38.68
CA SER E 7 -8.01 4.61 -39.49
C SER E 7 -7.75 5.89 -38.70
N GLY E 8 -7.51 6.97 -39.44
CA GLY E 8 -7.19 8.24 -38.82
C GLY E 8 -8.34 8.80 -38.02
N ALA E 9 -8.03 9.81 -37.22
CA ALA E 9 -9.02 10.44 -36.36
C ALA E 9 -10.10 11.12 -37.19
N GLU E 10 -11.30 11.21 -36.61
CA GLU E 10 -12.43 11.83 -37.28
C GLU E 10 -13.16 12.74 -36.31
N VAL E 11 -13.84 13.74 -36.86
CA VAL E 11 -14.63 14.70 -36.10
C VAL E 11 -16.06 14.67 -36.63
N LYS E 12 -17.03 14.57 -35.73
CA LYS E 12 -18.42 14.43 -36.11
C LYS E 12 -19.29 15.33 -35.25
N LYS E 13 -20.45 15.69 -35.79
CA LYS E 13 -21.48 16.42 -35.07
C LYS E 13 -22.42 15.45 -34.38
N PRO E 14 -23.11 15.89 -33.33
CA PRO E 14 -24.10 15.01 -32.68
C PRO E 14 -25.15 14.55 -33.67
N GLY E 15 -25.52 13.28 -33.57
CA GLY E 15 -26.45 12.65 -34.49
C GLY E 15 -25.81 12.01 -35.70
N ALA E 16 -24.54 12.29 -35.97
CA ALA E 16 -23.86 11.75 -37.15
C ALA E 16 -23.46 10.30 -36.88
N SER E 17 -22.71 9.72 -37.81
CA SER E 17 -22.24 8.34 -37.68
C SER E 17 -20.77 8.27 -38.04
N VAL E 18 -20.06 7.33 -37.42
CA VAL E 18 -18.63 7.14 -37.64
C VAL E 18 -18.37 5.66 -37.90
N LYS E 19 -17.43 5.38 -38.81
CA LYS E 19 -16.97 4.02 -39.06
C LYS E 19 -15.46 3.99 -38.98
N VAL E 20 -14.92 3.12 -38.13
CA VAL E 20 -13.49 3.00 -37.88
C VAL E 20 -13.02 1.65 -38.42
N SER E 21 -11.93 1.68 -39.19
CA SER E 21 -11.34 0.46 -39.73
C SER E 21 -10.15 0.03 -38.87
N CYS E 22 -9.87 -1.27 -38.89
CA CYS E 22 -8.78 -1.86 -38.11
C CYS E 22 -8.10 -2.91 -38.98
N LYS E 23 -7.03 -2.50 -39.65
CA LYS E 23 -6.30 -3.38 -40.55
C LYS E 23 -5.38 -4.30 -39.75
N ALA E 24 -5.39 -5.58 -40.09
CA ALA E 24 -4.59 -6.59 -39.38
C ALA E 24 -3.54 -7.17 -40.31
N SER E 25 -2.35 -7.42 -39.77
CA SER E 25 -1.26 -8.00 -40.54
C SER E 25 -0.34 -8.76 -39.60
N GLY E 26 0.43 -9.68 -40.18
CA GLY E 26 1.40 -10.45 -39.41
C GLY E 26 0.84 -11.67 -38.71
N TYR E 27 -0.42 -12.02 -38.94
CA TYR E 27 -0.99 -13.24 -38.39
C TYR E 27 -2.20 -13.63 -39.23
N THR E 28 -2.62 -14.87 -39.07
CA THR E 28 -3.79 -15.36 -39.79
C THR E 28 -5.04 -14.71 -39.21
N PHE E 29 -5.66 -13.82 -39.99
CA PHE E 29 -6.74 -12.98 -39.48
C PHE E 29 -7.91 -13.81 -38.98
N THR E 30 -8.35 -14.79 -39.78
CA THR E 30 -9.57 -15.54 -39.48
C THR E 30 -9.42 -16.48 -38.30
N SER E 31 -8.20 -16.69 -37.79
CA SER E 31 -7.98 -17.64 -36.71
C SER E 31 -8.19 -17.04 -35.32
N TYR E 32 -8.45 -15.74 -35.23
CA TYR E 32 -8.59 -15.07 -33.95
C TYR E 32 -9.88 -14.24 -33.94
N GLY E 33 -10.24 -13.79 -32.74
CA GLY E 33 -11.31 -12.83 -32.58
C GLY E 33 -10.77 -11.42 -32.45
N ILE E 34 -11.64 -10.45 -32.73
CA ILE E 34 -11.30 -9.03 -32.63
C ILE E 34 -12.28 -8.37 -31.67
N SER E 35 -11.76 -7.61 -30.72
CA SER E 35 -12.57 -6.89 -29.76
C SER E 35 -12.33 -5.39 -29.88
N TRP E 36 -13.34 -4.61 -29.50
CA TRP E 36 -13.28 -3.16 -29.56
C TRP E 36 -13.41 -2.59 -28.15
N VAL E 37 -12.50 -1.69 -27.80
CA VAL E 37 -12.47 -1.03 -26.50
C VAL E 37 -12.34 0.47 -26.73
N ARG E 38 -13.14 1.25 -26.01
CA ARG E 38 -13.08 2.70 -26.11
C ARG E 38 -12.75 3.30 -24.75
N GLN E 39 -12.20 4.51 -24.78
CA GLN E 39 -11.72 5.17 -23.58
C GLN E 39 -11.99 6.67 -23.71
N ALA E 40 -12.96 7.17 -22.94
CA ALA E 40 -13.17 8.60 -22.86
C ALA E 40 -11.93 9.27 -22.26
N PRO E 41 -11.61 10.49 -22.69
CA PRO E 41 -10.34 11.11 -22.25
C PRO E 41 -10.25 11.19 -20.73
N GLY E 42 -9.13 10.70 -20.20
CA GLY E 42 -8.93 10.68 -18.76
C GLY E 42 -9.81 9.73 -18.00
N GLN E 43 -10.36 8.71 -18.66
CA GLN E 43 -11.30 7.79 -18.04
C GLN E 43 -10.84 6.35 -18.27
N GLY E 44 -11.65 5.41 -17.78
CA GLY E 44 -11.30 4.01 -17.84
C GLY E 44 -11.57 3.36 -19.18
N LEU E 45 -11.22 2.09 -19.27
CA LEU E 45 -11.41 1.30 -20.48
C LEU E 45 -12.82 0.71 -20.48
N GLU E 46 -13.50 0.83 -21.61
CA GLU E 46 -14.88 0.35 -21.75
C GLU E 46 -14.94 -0.65 -22.90
N TRP E 47 -15.38 -1.87 -22.59
CA TRP E 47 -15.53 -2.91 -23.59
C TRP E 47 -16.78 -2.68 -24.42
N MET E 48 -16.66 -2.76 -25.74
CA MET E 48 -17.77 -2.53 -26.66
C MET E 48 -18.37 -3.80 -27.21
N GLY E 49 -17.54 -4.69 -27.74
CA GLY E 49 -18.06 -5.91 -28.34
C GLY E 49 -16.94 -6.77 -28.88
N TRP E 50 -17.31 -7.99 -29.24
CA TRP E 50 -16.39 -8.99 -29.78
C TRP E 50 -16.95 -9.51 -31.09
N ILE E 51 -16.05 -9.77 -32.04
CA ILE E 51 -16.42 -10.36 -33.32
C ILE E 51 -15.41 -11.44 -33.67
N SER E 52 -15.89 -12.52 -34.28
CA SER E 52 -15.01 -13.56 -34.79
C SER E 52 -14.70 -13.27 -36.25
N ALA E 53 -13.40 -13.20 -36.57
CA ALA E 53 -12.99 -12.91 -37.94
C ALA E 53 -13.37 -14.02 -38.91
N TYR E 54 -13.63 -15.23 -38.40
CA TYR E 54 -13.90 -16.36 -39.29
C TYR E 54 -15.29 -16.28 -39.91
N ASN E 55 -16.32 -15.93 -39.11
CA ASN E 55 -17.68 -15.93 -39.63
C ASN E 55 -18.50 -14.71 -39.23
N GLY E 56 -17.96 -13.77 -38.47
CA GLY E 56 -18.64 -12.52 -38.23
C GLY E 56 -19.71 -12.53 -37.15
N ASN E 57 -19.75 -13.55 -36.29
CA ASN E 57 -20.64 -13.48 -35.13
C ASN E 57 -20.20 -12.35 -34.21
N THR E 58 -21.18 -11.72 -33.58
CA THR E 58 -20.90 -10.53 -32.77
C THR E 58 -21.53 -10.61 -31.40
N ASN E 59 -20.80 -10.21 -30.36
CA ASN E 59 -21.39 -10.08 -29.01
C ASN E 59 -21.21 -8.61 -28.66
N TYR E 60 -22.28 -7.90 -28.31
CA TYR E 60 -22.18 -6.45 -28.09
C TYR E 60 -22.49 -6.06 -26.66
N ALA E 61 -21.95 -4.93 -26.21
CA ALA E 61 -22.27 -4.42 -24.90
C ALA E 61 -23.71 -3.90 -24.89
N GLN E 62 -24.44 -4.24 -23.82
CA GLN E 62 -25.85 -3.88 -23.75
C GLN E 62 -26.06 -2.38 -23.68
N LYS E 63 -25.13 -1.65 -23.06
CA LYS E 63 -25.29 -0.21 -22.90
C LYS E 63 -25.25 0.54 -24.23
N LEU E 64 -24.67 -0.06 -25.27
CA LEU E 64 -24.66 0.59 -26.59
C LEU E 64 -26.04 0.56 -27.22
N GLN E 65 -26.84 -0.46 -26.92
CA GLN E 65 -28.24 -0.54 -27.33
C GLN E 65 -28.40 -0.41 -28.85
N GLY E 66 -27.75 -1.32 -29.57
CA GLY E 66 -27.94 -1.44 -31.00
C GLY E 66 -27.33 -0.33 -31.85
N ARG E 67 -26.67 0.64 -31.23
CA ARG E 67 -26.05 1.73 -31.97
C ARG E 67 -24.74 1.33 -32.64
N VAL E 68 -24.19 0.16 -32.32
CA VAL E 68 -22.90 -0.29 -32.82
C VAL E 68 -23.11 -1.49 -33.72
N THR E 69 -22.47 -1.48 -34.89
CA THR E 69 -22.41 -2.63 -35.78
C THR E 69 -20.96 -2.94 -36.08
N MET E 70 -20.57 -4.20 -35.88
CA MET E 70 -19.22 -4.67 -36.11
C MET E 70 -19.20 -5.65 -37.27
N THR E 71 -18.31 -5.42 -38.24
CA THR E 71 -18.16 -6.28 -39.39
C THR E 71 -16.68 -6.56 -39.62
N THR E 72 -16.42 -7.55 -40.47
CA THR E 72 -15.06 -7.91 -40.86
C THR E 72 -15.02 -8.14 -42.37
N ASP E 73 -13.83 -7.94 -42.93
CA ASP E 73 -13.58 -8.21 -44.35
C ASP E 73 -12.38 -9.18 -44.41
N THR E 74 -12.69 -10.47 -44.54
CA THR E 74 -11.62 -11.47 -44.59
C THR E 74 -10.76 -11.35 -45.84
N SER E 75 -11.27 -10.68 -46.88
CA SER E 75 -10.47 -10.46 -48.08
C SER E 75 -9.29 -9.54 -47.81
N THR E 76 -9.45 -8.59 -46.90
CA THR E 76 -8.41 -7.60 -46.61
C THR E 76 -7.92 -7.65 -45.17
N SER E 77 -8.39 -8.62 -44.38
CA SER E 77 -8.00 -8.76 -42.97
C SER E 77 -8.25 -7.46 -42.21
N THR E 78 -9.45 -6.91 -42.37
CA THR E 78 -9.80 -5.62 -41.81
C THR E 78 -11.06 -5.73 -40.97
N ALA E 79 -11.01 -5.22 -39.75
CA ALA E 79 -12.17 -5.14 -38.87
C ALA E 79 -12.77 -3.74 -38.92
N TYR E 80 -14.09 -3.66 -38.83
CA TYR E 80 -14.81 -2.39 -38.92
C TYR E 80 -15.67 -2.20 -37.68
N MET E 81 -15.73 -0.97 -37.19
CA MET E 81 -16.61 -0.58 -36.10
C MET E 81 -17.40 0.63 -36.53
N GLU E 82 -18.73 0.54 -36.47
CA GLU E 82 -19.61 1.63 -36.87
C GLU E 82 -20.51 2.00 -35.69
N LEU E 83 -20.47 3.26 -35.29
CA LEU E 83 -21.28 3.79 -34.20
C LEU E 83 -22.22 4.85 -34.75
N ARG E 84 -23.51 4.67 -34.50
CA ARG E 84 -24.54 5.53 -35.06
C ARG E 84 -25.16 6.41 -33.97
N SER E 85 -25.87 7.45 -34.42
CA SER E 85 -26.54 8.40 -33.54
C SER E 85 -25.57 8.94 -32.49
N LEU E 86 -24.49 9.52 -32.98
CA LEU E 86 -23.42 9.98 -32.09
C LEU E 86 -23.91 11.07 -31.15
N ARG E 87 -23.50 10.98 -29.90
CA ARG E 87 -23.78 12.00 -28.90
C ARG E 87 -22.47 12.44 -28.27
N SER E 88 -22.54 13.47 -27.43
CA SER E 88 -21.33 14.15 -26.97
C SER E 88 -20.43 13.22 -26.15
N ASP E 89 -21.02 12.43 -25.26
CA ASP E 89 -20.20 11.58 -24.39
C ASP E 89 -19.56 10.41 -25.14
N ASP E 90 -19.93 10.19 -26.40
CA ASP E 90 -19.26 9.20 -27.23
C ASP E 90 -17.85 9.62 -27.63
N THR E 91 -17.46 10.87 -27.37
CA THR E 91 -16.09 11.29 -27.57
C THR E 91 -15.15 10.40 -26.78
N ALA E 92 -14.27 9.70 -27.48
CA ALA E 92 -13.36 8.74 -26.86
C ALA E 92 -12.32 8.31 -27.88
N VAL E 93 -11.31 7.60 -27.40
CA VAL E 93 -10.30 6.96 -28.25
C VAL E 93 -10.71 5.51 -28.43
N TYR E 94 -10.84 5.08 -29.68
CA TYR E 94 -11.42 3.78 -30.01
C TYR E 94 -10.31 2.81 -30.39
N TYR E 95 -10.28 1.67 -29.69
CA TYR E 95 -9.23 0.67 -29.85
C TYR E 95 -9.81 -0.62 -30.39
N CYS E 96 -9.13 -1.20 -31.36
CA CYS E 96 -9.37 -2.58 -31.77
C CYS E 96 -8.25 -3.44 -31.19
N ALA E 97 -8.59 -4.67 -30.79
CA ALA E 97 -7.62 -5.57 -30.20
C ALA E 97 -7.89 -6.99 -30.68
N ARG E 98 -6.83 -7.80 -30.66
CA ARG E 98 -6.93 -9.22 -31.08
C ARG E 98 -7.09 -10.10 -29.86
N GLY E 99 -8.07 -11.01 -29.89
CA GLY E 99 -8.25 -11.96 -28.81
C GLY E 99 -9.67 -12.06 -28.31
N THR E 100 -9.99 -13.14 -27.59
CA THR E 100 -11.31 -13.34 -27.02
C THR E 100 -11.29 -13.34 -25.50
N VAL E 101 -10.50 -14.22 -24.88
CA VAL E 101 -10.42 -14.25 -23.42
C VAL E 101 -9.66 -13.03 -22.91
N TYR E 102 -8.50 -12.75 -23.50
CA TYR E 102 -7.77 -11.52 -23.25
C TYR E 102 -7.28 -11.00 -24.59
N PHE E 103 -6.42 -10.00 -24.59
CA PHE E 103 -6.06 -9.27 -25.80
C PHE E 103 -4.56 -9.08 -25.87
N ASP E 104 -3.92 -9.69 -26.86
CA ASP E 104 -2.44 -9.64 -26.93
C ASP E 104 -1.95 -8.35 -27.56
N TYR E 105 -2.53 -7.96 -28.68
CA TYR E 105 -2.09 -6.78 -29.40
C TYR E 105 -3.21 -5.77 -29.60
N TRP E 106 -2.85 -4.50 -29.58
CA TRP E 106 -3.79 -3.40 -29.63
C TRP E 106 -3.46 -2.47 -30.78
N GLY E 107 -4.49 -1.89 -31.39
CA GLY E 107 -4.29 -0.84 -32.37
C GLY E 107 -3.86 0.46 -31.70
N GLN E 108 -3.33 1.36 -32.52
CA GLN E 108 -2.87 2.65 -32.01
C GLN E 108 -4.03 3.53 -31.54
N GLY E 109 -5.26 3.16 -31.86
CA GLY E 109 -6.43 3.92 -31.42
C GLY E 109 -6.86 4.95 -32.45
N THR E 110 -8.14 5.28 -32.41
CA THR E 110 -8.71 6.32 -33.27
C THR E 110 -9.50 7.28 -32.39
N LEU E 111 -9.11 8.55 -32.42
CA LEU E 111 -9.82 9.58 -31.67
C LEU E 111 -11.04 10.03 -32.45
N VAL E 112 -12.23 9.76 -31.90
CA VAL E 112 -13.49 10.22 -32.47
C VAL E 112 -14.02 11.30 -31.54
N THR E 113 -14.09 12.53 -32.06
CA THR E 113 -14.54 13.68 -31.30
C THR E 113 -15.92 14.07 -31.78
N VAL E 114 -16.91 13.98 -30.91
CA VAL E 114 -18.29 14.37 -31.22
C VAL E 114 -18.55 15.72 -30.56
N SER E 115 -18.92 16.71 -31.37
CA SER E 115 -19.15 18.06 -30.86
C SER E 115 -19.92 18.85 -31.91
N SER E 116 -20.64 19.87 -31.43
CA SER E 116 -21.29 20.81 -32.33
C SER E 116 -20.33 21.88 -32.85
N ALA E 117 -19.15 22.00 -32.27
CA ALA E 117 -18.17 22.97 -32.72
C ALA E 117 -17.63 22.59 -34.09
N SER E 118 -16.87 23.52 -34.68
CA SER E 118 -16.34 23.34 -36.02
C SER E 118 -14.82 23.52 -36.00
N THR E 119 -14.15 22.85 -36.94
CA THR E 119 -12.70 22.89 -37.01
C THR E 119 -12.20 24.33 -37.15
N LYS E 120 -11.20 24.69 -36.35
CA LYS E 120 -10.72 26.06 -36.30
C LYS E 120 -9.20 26.04 -36.11
N GLY E 121 -8.51 26.92 -36.83
CA GLY E 121 -7.06 26.98 -36.79
C GLY E 121 -6.52 27.75 -35.61
N PRO E 122 -5.53 27.17 -34.92
CA PRO E 122 -5.06 27.76 -33.67
C PRO E 122 -4.39 29.11 -33.86
N SER E 123 -4.52 29.95 -32.84
CA SER E 123 -3.78 31.19 -32.74
C SER E 123 -2.59 30.97 -31.82
N VAL E 124 -1.42 31.44 -32.23
CA VAL E 124 -0.18 31.21 -31.50
C VAL E 124 0.37 32.55 -31.04
N PHE E 125 0.64 32.66 -29.74
CA PHE E 125 1.16 33.89 -29.16
C PHE E 125 2.40 33.59 -28.32
N PRO E 126 3.43 34.42 -28.40
CA PRO E 126 4.66 34.13 -27.67
C PRO E 126 4.52 34.38 -26.18
N LEU E 127 5.39 33.71 -25.42
CA LEU E 127 5.56 33.94 -24.00
C LEU E 127 7.02 34.30 -23.75
N ALA E 128 7.27 35.56 -23.38
CA ALA E 128 8.62 36.07 -23.29
C ALA E 128 8.99 36.40 -21.85
N PRO E 129 10.27 36.26 -21.49
CA PRO E 129 10.76 36.61 -20.15
C PRO E 129 10.71 38.11 -19.87
N ALA E 139 15.74 31.16 -16.80
CA ALA E 139 14.81 31.84 -17.70
C ALA E 139 13.82 30.84 -18.30
N ALA E 140 12.60 31.31 -18.55
CA ALA E 140 11.54 30.48 -19.11
C ALA E 140 10.85 31.23 -20.23
N LEU E 141 10.45 30.50 -21.27
CA LEU E 141 9.71 31.07 -22.38
C LEU E 141 8.89 29.97 -23.02
N GLY E 142 7.92 30.37 -23.84
CA GLY E 142 7.09 29.38 -24.50
C GLY E 142 6.12 30.03 -25.47
N CYS E 143 5.14 29.24 -25.89
CA CYS E 143 4.09 29.68 -26.80
C CYS E 143 2.73 29.28 -26.25
N LEU E 144 1.73 30.11 -26.52
CA LEU E 144 0.35 29.85 -26.15
C LEU E 144 -0.43 29.45 -27.39
N VAL E 145 -1.06 28.28 -27.35
CA VAL E 145 -1.88 27.77 -28.44
C VAL E 145 -3.33 27.86 -27.98
N LYS E 146 -4.06 28.83 -28.51
CA LYS E 146 -5.37 29.20 -27.97
C LYS E 146 -6.45 29.10 -29.03
N ASP E 147 -7.64 28.69 -28.60
CA ASP E 147 -8.85 28.74 -29.41
C ASP E 147 -8.68 27.94 -30.71
N TYR E 148 -8.58 26.62 -30.53
CA TYR E 148 -8.49 25.72 -31.67
C TYR E 148 -9.37 24.50 -31.45
N PHE E 149 -9.75 23.86 -32.56
CA PHE E 149 -10.52 22.64 -32.54
C PHE E 149 -10.23 21.86 -33.83
N PRO E 150 -10.04 20.54 -33.75
CA PRO E 150 -10.06 19.74 -32.53
C PRO E 150 -8.67 19.40 -32.04
N GLU E 151 -8.60 18.56 -31.03
CA GLU E 151 -7.35 17.94 -30.66
C GLU E 151 -6.91 17.01 -31.80
N PRO E 152 -5.61 16.77 -31.96
CA PRO E 152 -4.47 17.21 -31.13
C PRO E 152 -3.66 18.35 -31.73
N VAL E 153 -2.70 18.84 -30.95
CA VAL E 153 -1.71 19.81 -31.41
C VAL E 153 -0.34 19.31 -30.99
N THR E 154 0.61 19.33 -31.91
CA THR E 154 1.98 18.92 -31.65
C THR E 154 2.89 20.15 -31.70
N VAL E 155 3.70 20.33 -30.67
CA VAL E 155 4.60 21.46 -30.56
C VAL E 155 6.02 20.95 -30.47
N SER E 156 6.89 21.47 -31.32
CA SER E 156 8.33 21.23 -31.26
C SER E 156 9.05 22.56 -31.12
N TRP E 157 10.34 22.48 -30.81
CA TRP E 157 11.14 23.68 -30.56
C TRP E 157 12.41 23.63 -31.40
N ASN E 158 12.66 24.72 -32.13
CA ASN E 158 13.82 24.83 -33.01
C ASN E 158 13.87 23.66 -33.99
N SER E 159 12.70 23.32 -34.56
CA SER E 159 12.56 22.21 -35.50
C SER E 159 13.02 20.90 -34.87
N GLY E 160 12.64 20.67 -33.61
CA GLY E 160 12.98 19.44 -32.92
C GLY E 160 14.38 19.35 -32.39
N ALA E 161 15.15 20.44 -32.42
CA ALA E 161 16.51 20.44 -31.92
C ALA E 161 16.60 20.66 -30.42
N LEU E 162 15.48 20.91 -29.75
CA LEU E 162 15.45 21.18 -28.32
C LEU E 162 14.33 20.38 -27.67
N THR E 163 14.68 19.50 -26.74
CA THR E 163 13.72 18.74 -25.95
C THR E 163 13.92 18.83 -24.45
N SER E 164 15.12 19.18 -23.98
CA SER E 164 15.35 19.30 -22.55
C SER E 164 14.58 20.49 -21.99
N GLY E 165 13.77 20.23 -20.96
CA GLY E 165 13.00 21.26 -20.31
C GLY E 165 11.69 21.60 -21.00
N VAL E 166 11.35 20.94 -22.09
CA VAL E 166 10.11 21.20 -22.80
C VAL E 166 8.95 20.60 -22.02
N HIS E 167 7.93 21.40 -21.75
CA HIS E 167 6.70 20.94 -21.12
C HIS E 167 5.53 21.43 -21.96
N THR E 168 4.80 20.49 -22.57
CA THR E 168 3.61 20.79 -23.35
C THR E 168 2.41 20.32 -22.53
N PHE E 169 1.73 21.26 -21.88
CA PHE E 169 0.66 20.92 -20.96
C PHE E 169 -0.53 20.33 -21.71
N PRO E 170 -1.28 19.45 -21.07
CA PRO E 170 -2.48 18.90 -21.73
C PRO E 170 -3.47 20.01 -22.04
N ALA E 171 -4.12 19.88 -23.20
CA ALA E 171 -5.10 20.86 -23.61
C ALA E 171 -6.33 20.79 -22.70
N VAL E 172 -6.93 21.96 -22.46
CA VAL E 172 -8.14 22.07 -21.65
C VAL E 172 -9.24 22.64 -22.53
N LEU E 173 -10.40 21.99 -22.51
CA LEU E 173 -11.53 22.41 -23.33
C LEU E 173 -12.15 23.66 -22.71
N GLN E 174 -11.98 24.80 -23.37
CA GLN E 174 -12.52 26.05 -22.87
C GLN E 174 -14.03 26.08 -22.99
N SER E 175 -14.65 27.06 -22.33
CA SER E 175 -16.10 27.21 -22.38
C SER E 175 -16.58 27.48 -23.80
N SER E 176 -15.76 28.13 -24.62
CA SER E 176 -16.13 28.43 -26.01
C SER E 176 -16.14 27.20 -26.90
N GLY E 177 -15.91 26.00 -26.35
CA GLY E 177 -15.87 24.80 -27.15
C GLY E 177 -14.58 24.57 -27.90
N LEU E 178 -13.59 25.43 -27.71
CA LEU E 178 -12.29 25.32 -28.36
C LEU E 178 -11.23 24.96 -27.33
N TYR E 179 -10.20 24.26 -27.79
CA TYR E 179 -9.13 23.83 -26.90
C TYR E 179 -8.09 24.93 -26.73
N SER E 180 -7.25 24.78 -25.72
CA SER E 180 -6.18 25.74 -25.45
C SER E 180 -5.12 25.07 -24.58
N LEU E 181 -3.86 25.30 -24.92
CA LEU E 181 -2.75 24.79 -24.14
C LEU E 181 -1.55 25.72 -24.28
N SER E 182 -0.55 25.50 -23.42
CA SER E 182 0.71 26.20 -23.50
C SER E 182 1.84 25.18 -23.56
N SER E 183 2.92 25.57 -24.24
CA SER E 183 4.15 24.81 -24.27
C SER E 183 5.29 25.71 -23.82
N VAL E 184 6.05 25.27 -22.82
CA VAL E 184 7.10 26.08 -22.23
C VAL E 184 8.39 25.28 -22.18
N VAL E 185 9.51 26.00 -22.09
CA VAL E 185 10.83 25.39 -21.99
C VAL E 185 11.73 26.35 -21.23
N THR E 186 12.56 25.79 -20.35
CA THR E 186 13.53 26.56 -19.57
C THR E 186 14.90 26.45 -20.23
N VAL E 187 15.55 27.59 -20.42
CA VAL E 187 16.85 27.64 -21.09
C VAL E 187 17.79 28.51 -20.25
N PRO E 188 19.10 28.33 -20.42
CA PRO E 188 20.05 29.19 -19.70
C PRO E 188 19.82 30.67 -20.01
N SER E 189 19.87 31.50 -18.97
CA SER E 189 19.55 32.91 -19.11
C SER E 189 20.59 33.68 -19.92
N SER E 190 21.80 33.12 -20.08
CA SER E 190 22.85 33.83 -20.79
C SER E 190 22.59 33.85 -22.30
N SER E 191 21.95 32.82 -22.84
CA SER E 191 21.75 32.68 -24.27
C SER E 191 20.51 33.40 -24.78
N LEU E 192 19.92 34.30 -23.98
CA LEU E 192 18.69 34.97 -24.38
C LEU E 192 18.92 35.84 -25.62
N GLY E 193 20.04 36.55 -25.67
CA GLY E 193 20.32 37.42 -26.80
C GLY E 193 21.10 36.77 -27.92
N THR E 194 21.71 35.61 -27.63
CA THR E 194 22.56 34.93 -28.60
C THR E 194 21.84 33.81 -29.36
N GLN E 195 21.00 33.03 -28.68
CA GLN E 195 20.28 31.93 -29.29
C GLN E 195 18.80 32.28 -29.42
N THR E 196 18.21 31.95 -30.56
CA THR E 196 16.81 32.22 -30.84
C THR E 196 15.98 30.97 -30.61
N TYR E 197 14.79 31.14 -30.05
CA TYR E 197 13.92 30.03 -29.71
C TYR E 197 12.61 30.17 -30.47
N ILE E 198 12.31 29.17 -31.29
CA ILE E 198 11.12 29.16 -32.15
C ILE E 198 10.30 27.92 -31.82
N CYS E 199 9.00 28.10 -31.64
CA CYS E 199 8.09 26.98 -31.43
C CYS E 199 7.37 26.66 -32.74
N ASN E 200 7.22 25.36 -33.00
CA ASN E 200 6.60 24.90 -34.26
C ASN E 200 5.30 24.21 -33.91
N VAL E 201 4.16 24.87 -34.14
CA VAL E 201 2.84 24.37 -33.81
C VAL E 201 2.20 23.80 -35.06
N ASN E 202 1.71 22.57 -34.98
CA ASN E 202 1.11 21.87 -36.11
C ASN E 202 -0.29 21.39 -35.69
N HIS E 203 -1.31 21.97 -36.31
CA HIS E 203 -2.69 21.50 -36.13
C HIS E 203 -3.07 20.74 -37.39
N LYS E 204 -2.76 19.44 -37.39
CA LYS E 204 -3.02 18.61 -38.57
C LYS E 204 -4.47 18.61 -39.00
N PRO E 205 -5.48 18.50 -38.12
CA PRO E 205 -6.87 18.51 -38.61
C PRO E 205 -7.24 19.77 -39.37
N SER E 206 -6.65 20.92 -39.02
CA SER E 206 -6.99 22.19 -39.65
C SER E 206 -5.99 22.59 -40.73
N ASN E 207 -4.98 21.78 -41.01
CA ASN E 207 -3.96 22.07 -42.02
C ASN E 207 -3.28 23.41 -41.74
N THR E 208 -2.71 23.51 -40.54
CA THR E 208 -2.12 24.75 -40.06
C THR E 208 -0.72 24.50 -39.51
N LYS E 209 0.22 25.34 -39.91
CA LYS E 209 1.58 25.34 -39.36
C LYS E 209 1.98 26.76 -39.06
N VAL E 210 2.43 27.01 -37.82
CA VAL E 210 2.83 28.33 -37.38
C VAL E 210 4.17 28.23 -36.67
N ASP E 211 5.09 29.13 -37.01
CA ASP E 211 6.39 29.24 -36.35
C ASP E 211 6.45 30.57 -35.62
N LYS E 212 6.82 30.55 -34.35
CA LYS E 212 6.82 31.80 -33.59
C LYS E 212 7.99 31.84 -32.62
N LYS E 213 8.57 33.04 -32.50
CA LYS E 213 9.76 33.31 -31.70
C LYS E 213 9.38 33.85 -30.33
N ALA E 214 10.22 33.54 -29.34
CA ALA E 214 10.05 34.03 -27.97
C ALA E 214 11.26 34.89 -27.64
N GLU E 215 11.01 36.16 -27.34
CA GLU E 215 12.09 37.11 -27.05
C GLU E 215 11.88 37.82 -25.72
N GLU F 1 -23.47 -10.47 -16.07
CA GLU F 1 -22.52 -9.37 -16.11
C GLU F 1 -21.73 -9.26 -14.81
N ILE F 2 -20.41 -9.33 -14.92
CA ILE F 2 -19.51 -9.37 -13.76
C ILE F 2 -18.92 -7.98 -13.56
N VAL F 3 -19.02 -7.45 -12.35
CA VAL F 3 -18.40 -6.18 -11.98
C VAL F 3 -17.08 -6.48 -11.32
N LEU F 4 -16.00 -5.87 -11.83
CA LEU F 4 -14.66 -6.02 -11.27
C LEU F 4 -14.34 -4.77 -10.46
N THR F 5 -14.25 -4.93 -9.15
CA THR F 5 -13.92 -3.82 -8.26
C THR F 5 -12.40 -3.79 -8.06
N GLN F 6 -11.78 -2.66 -8.41
CA GLN F 6 -10.34 -2.51 -8.35
C GLN F 6 -9.98 -1.49 -7.27
N SER F 7 -9.10 -1.89 -6.36
CA SER F 7 -8.65 -1.05 -5.27
C SER F 7 -7.14 -1.25 -5.09
N PRO F 8 -6.43 -0.21 -4.61
CA PRO F 8 -6.94 1.14 -4.33
C PRO F 8 -7.04 1.98 -5.60
N ALA F 9 -7.72 3.13 -5.51
CA ALA F 9 -7.80 4.01 -6.66
C ALA F 9 -6.43 4.57 -7.04
N THR F 10 -5.55 4.79 -6.05
CA THR F 10 -4.23 5.33 -6.29
C THR F 10 -3.23 4.67 -5.35
N LEU F 11 -2.00 4.51 -5.86
CA LEU F 11 -0.87 4.04 -5.05
C LEU F 11 0.27 5.03 -5.21
N SER F 12 0.78 5.53 -4.09
CA SER F 12 1.93 6.43 -4.06
C SER F 12 3.04 5.73 -3.28
N LEU F 13 4.02 5.20 -4.00
CA LEU F 13 5.10 4.43 -3.40
C LEU F 13 6.44 4.96 -3.85
N SER F 14 7.40 4.98 -2.93
CA SER F 14 8.76 5.36 -3.27
C SER F 14 9.39 4.27 -4.15
N PRO F 15 10.43 4.62 -4.91
CA PRO F 15 11.11 3.60 -5.71
C PRO F 15 11.60 2.45 -4.84
N GLY F 16 11.42 1.23 -5.35
CA GLY F 16 11.84 0.03 -4.65
C GLY F 16 10.80 -0.59 -3.75
N GLU F 17 9.70 0.09 -3.47
CA GLU F 17 8.68 -0.46 -2.59
C GLU F 17 7.83 -1.50 -3.32
N ARG F 18 7.06 -2.25 -2.55
CA ARG F 18 6.22 -3.33 -3.08
C ARG F 18 4.84 -2.78 -3.38
N ALA F 19 4.41 -2.89 -4.65
CA ALA F 19 3.11 -2.42 -5.08
C ALA F 19 2.13 -3.58 -5.11
N THR F 20 0.97 -3.40 -4.47
CA THR F 20 -0.08 -4.40 -4.43
C THR F 20 -1.36 -3.79 -5.00
N LEU F 21 -1.87 -4.41 -6.05
CA LEU F 21 -3.08 -3.95 -6.73
C LEU F 21 -4.10 -5.07 -6.69
N SER F 22 -5.33 -4.74 -6.30
CA SER F 22 -6.37 -5.72 -6.06
C SER F 22 -7.46 -5.62 -7.11
N CYS F 23 -7.99 -6.79 -7.50
CA CYS F 23 -9.10 -6.90 -8.45
C CYS F 23 -10.11 -7.86 -7.84
N ARG F 24 -11.28 -7.32 -7.49
CA ARG F 24 -12.34 -8.13 -6.84
C ARG F 24 -13.51 -8.35 -7.81
N ALA F 25 -13.91 -9.60 -7.97
CA ALA F 25 -14.95 -9.97 -8.91
C ALA F 25 -16.27 -10.23 -8.18
N SER F 26 -17.36 -9.72 -8.77
CA SER F 26 -18.69 -9.95 -8.20
C SER F 26 -19.11 -11.41 -8.27
N GLN F 27 -18.48 -12.20 -9.15
CA GLN F 27 -18.73 -13.63 -9.23
C GLN F 27 -17.39 -14.36 -9.30
N SER F 28 -17.42 -15.65 -8.99
CA SER F 28 -16.22 -16.46 -9.07
C SER F 28 -15.71 -16.52 -10.51
N LEU F 29 -14.40 -16.30 -10.67
CA LEU F 29 -13.76 -16.35 -11.97
C LEU F 29 -12.77 -17.52 -12.01
N SER F 30 -12.70 -18.17 -13.17
CA SER F 30 -11.63 -19.12 -13.40
C SER F 30 -10.31 -18.38 -13.59
N ARG F 31 -9.21 -19.02 -13.24
CA ARG F 31 -7.90 -18.31 -13.30
C ARG F 31 -7.63 -17.89 -14.74
N ASN F 32 -7.89 -18.78 -15.70
CA ASN F 32 -7.59 -18.44 -17.09
C ASN F 32 -8.47 -17.31 -17.63
N HIS F 33 -9.36 -16.75 -16.81
CA HIS F 33 -10.32 -15.75 -17.27
C HIS F 33 -10.08 -14.38 -16.64
N LEU F 34 -8.84 -14.08 -16.25
CA LEU F 34 -8.49 -12.75 -15.78
C LEU F 34 -7.11 -12.37 -16.31
N ALA F 35 -6.99 -11.15 -16.84
CA ALA F 35 -5.74 -10.64 -17.39
C ALA F 35 -5.46 -9.27 -16.78
N TRP F 36 -4.23 -8.80 -16.96
CA TRP F 36 -3.79 -7.52 -16.42
C TRP F 36 -3.17 -6.68 -17.53
N TYR F 37 -3.48 -5.38 -17.51
CA TYR F 37 -3.04 -4.46 -18.54
C TYR F 37 -2.36 -3.26 -17.92
N GLN F 38 -1.38 -2.72 -18.65
CA GLN F 38 -0.66 -1.51 -18.26
C GLN F 38 -0.83 -0.46 -19.35
N GLN F 39 -1.22 0.75 -18.95
CA GLN F 39 -1.45 1.84 -19.90
C GLN F 39 -0.75 3.10 -19.41
N LYS F 40 0.35 3.46 -20.06
CA LYS F 40 0.98 4.75 -19.85
C LYS F 40 0.23 5.82 -20.64
N PRO F 41 0.34 7.09 -20.24
CA PRO F 41 -0.42 8.15 -20.91
C PRO F 41 -0.06 8.26 -22.39
N GLY F 42 -1.09 8.48 -23.22
CA GLY F 42 -0.89 8.64 -24.64
C GLY F 42 -0.61 7.37 -25.41
N GLN F 43 -0.74 6.20 -24.79
CA GLN F 43 -0.41 4.94 -25.43
C GLN F 43 -1.55 3.96 -25.26
N PRO F 44 -1.68 3.00 -26.17
CA PRO F 44 -2.66 1.92 -25.99
C PRO F 44 -2.26 1.00 -24.84
N PRO F 45 -3.21 0.33 -24.21
CA PRO F 45 -2.86 -0.61 -23.14
C PRO F 45 -1.97 -1.73 -23.65
N ARG F 46 -1.02 -2.15 -22.82
CA ARG F 46 -0.17 -3.29 -23.11
C ARG F 46 -0.51 -4.41 -22.14
N LEU F 47 -0.61 -5.63 -22.68
CA LEU F 47 -0.95 -6.79 -21.87
C LEU F 47 0.27 -7.21 -21.04
N LEU F 48 0.04 -7.45 -19.75
CA LEU F 48 1.10 -7.87 -18.84
C LEU F 48 0.93 -9.32 -18.40
N ILE F 49 -0.23 -9.67 -17.85
CA ILE F 49 -0.47 -10.99 -17.29
C ILE F 49 -1.72 -11.56 -17.94
N HIS F 50 -1.70 -12.87 -18.21
CA HIS F 50 -2.87 -13.59 -18.66
C HIS F 50 -2.99 -14.88 -17.86
N TRP F 51 -4.22 -15.36 -17.72
CA TRP F 51 -4.54 -16.49 -16.85
C TRP F 51 -4.14 -16.19 -15.40
N ALA F 52 -4.11 -14.90 -15.06
CA ALA F 52 -3.93 -14.40 -13.71
C ALA F 52 -2.51 -14.59 -13.17
N SER F 53 -1.69 -15.41 -13.82
CA SER F 53 -0.33 -15.60 -13.32
C SER F 53 0.76 -15.55 -14.39
N THR F 54 0.44 -15.62 -15.68
CA THR F 54 1.46 -15.77 -16.72
C THR F 54 1.81 -14.41 -17.35
N ARG F 55 3.08 -14.04 -17.26
CA ARG F 55 3.53 -12.82 -17.92
C ARG F 55 3.71 -13.06 -19.42
N GLU F 56 3.64 -11.97 -20.18
CA GLU F 56 3.96 -12.04 -21.59
C GLU F 56 5.48 -11.97 -21.79
N SER F 57 5.90 -12.20 -23.04
CA SER F 57 7.30 -12.05 -23.39
C SER F 57 7.75 -10.61 -23.18
N GLY F 58 8.91 -10.44 -22.56
CA GLY F 58 9.46 -9.12 -22.33
C GLY F 58 8.93 -8.40 -21.11
N VAL F 59 8.02 -9.00 -20.35
CA VAL F 59 7.51 -8.39 -19.12
C VAL F 59 8.47 -8.72 -17.99
N PRO F 60 8.99 -7.71 -17.28
CA PRO F 60 10.04 -7.96 -16.28
C PRO F 60 9.57 -8.83 -15.12
N ASP F 61 10.55 -9.43 -14.43
CA ASP F 61 10.23 -10.37 -13.37
C ASP F 61 9.49 -9.72 -12.21
N ARG F 62 9.64 -8.42 -12.03
CA ARG F 62 9.03 -7.75 -10.89
C ARG F 62 7.51 -7.74 -10.97
N PHE F 63 6.94 -7.90 -12.17
CA PHE F 63 5.50 -8.04 -12.31
C PHE F 63 5.11 -9.50 -12.13
N SER F 64 4.07 -9.74 -11.36
CA SER F 64 3.58 -11.10 -11.12
C SER F 64 2.14 -11.01 -10.63
N GLY F 65 1.32 -11.94 -11.09
CA GLY F 65 -0.08 -11.99 -10.69
C GLY F 65 -0.38 -13.28 -9.95
N SER F 66 -1.39 -13.22 -9.08
CA SER F 66 -1.82 -14.39 -8.33
C SER F 66 -3.25 -14.19 -7.89
N GLY F 67 -3.88 -15.29 -7.48
CA GLY F 67 -5.22 -15.26 -6.94
C GLY F 67 -6.12 -16.30 -7.58
N SER F 68 -7.32 -16.41 -7.00
CA SER F 68 -8.33 -17.34 -7.47
C SER F 68 -9.69 -16.84 -6.98
N GLY F 69 -10.74 -17.52 -7.43
CA GLY F 69 -12.08 -17.18 -6.98
C GLY F 69 -12.46 -15.76 -7.33
N THR F 70 -12.77 -14.96 -6.30
CA THR F 70 -13.14 -13.56 -6.48
C THR F 70 -12.03 -12.61 -6.06
N ASP F 71 -10.83 -13.11 -5.75
CA ASP F 71 -9.74 -12.30 -5.22
C ASP F 71 -8.51 -12.51 -6.08
N PHE F 72 -8.13 -11.47 -6.83
CA PHE F 72 -6.96 -11.50 -7.70
C PHE F 72 -6.06 -10.31 -7.40
N THR F 73 -4.76 -10.51 -7.50
CA THR F 73 -3.78 -9.50 -7.13
C THR F 73 -2.71 -9.38 -8.19
N LEU F 74 -2.34 -8.13 -8.50
CA LEU F 74 -1.17 -7.82 -9.30
C LEU F 74 -0.11 -7.20 -8.39
N THR F 75 1.10 -7.75 -8.42
CA THR F 75 2.16 -7.35 -7.51
C THR F 75 3.39 -6.91 -8.29
N ILE F 76 3.87 -5.71 -8.00
CA ILE F 76 5.16 -5.24 -8.49
C ILE F 76 6.14 -5.38 -7.33
N SER F 77 7.08 -6.31 -7.45
CA SER F 77 7.91 -6.70 -6.32
C SER F 77 8.76 -5.52 -5.83
N SER F 78 9.33 -4.76 -6.75
CA SER F 78 10.13 -3.58 -6.40
C SER F 78 9.80 -2.50 -7.42
N LEU F 79 9.11 -1.45 -6.97
CA LEU F 79 8.61 -0.43 -7.88
C LEU F 79 9.76 0.33 -8.53
N GLN F 80 9.57 0.68 -9.80
CA GLN F 80 10.55 1.41 -10.58
C GLN F 80 9.90 2.65 -11.19
N ALA F 81 10.74 3.60 -11.59
CA ALA F 81 10.23 4.87 -12.12
C ALA F 81 9.42 4.64 -13.40
N GLU F 82 9.86 3.73 -14.26
CA GLU F 82 9.13 3.48 -15.49
C GLU F 82 7.81 2.74 -15.27
N ASP F 83 7.42 2.48 -14.03
CA ASP F 83 6.16 1.80 -13.74
C ASP F 83 5.00 2.75 -13.50
N VAL F 84 5.23 4.07 -13.61
CA VAL F 84 4.15 5.04 -13.45
C VAL F 84 3.17 4.88 -14.62
N ALA F 85 2.00 4.35 -14.33
CA ALA F 85 0.98 4.08 -15.35
C ALA F 85 -0.33 3.80 -14.64
N VAL F 86 -1.33 3.37 -15.40
CA VAL F 86 -2.61 2.92 -14.86
C VAL F 86 -2.76 1.44 -15.21
N TYR F 87 -3.24 0.66 -14.25
CA TYR F 87 -3.33 -0.79 -14.41
C TYR F 87 -4.78 -1.22 -14.34
N TYR F 88 -5.19 -2.04 -15.31
CA TYR F 88 -6.56 -2.54 -15.43
C TYR F 88 -6.55 -4.06 -15.37
N CYS F 89 -7.59 -4.63 -14.77
CA CYS F 89 -7.84 -6.06 -14.82
C CYS F 89 -9.08 -6.32 -15.66
N GLN F 90 -8.99 -7.31 -16.54
CA GLN F 90 -10.07 -7.64 -17.47
C GLN F 90 -10.46 -9.10 -17.30
N GLN F 91 -11.76 -9.37 -17.30
CA GLN F 91 -12.29 -10.72 -17.21
C GLN F 91 -13.10 -11.06 -18.45
N HIS F 92 -13.20 -12.35 -18.71
CA HIS F 92 -14.13 -12.87 -19.70
C HIS F 92 -14.71 -14.18 -19.19
N THR F 93 -16.02 -14.19 -18.94
CA THR F 93 -16.68 -15.42 -18.44
C THR F 93 -18.13 -15.52 -18.94
N GLN F 94 -18.47 -16.60 -19.64
CA GLN F 94 -19.85 -16.88 -20.04
C GLN F 94 -20.42 -15.79 -20.94
N ASN F 95 -19.70 -15.52 -22.04
CA ASN F 95 -20.12 -14.53 -23.03
C ASN F 95 -20.29 -13.13 -22.42
N THR F 96 -19.39 -12.77 -21.51
CA THR F 96 -19.35 -11.42 -20.97
C THR F 96 -17.91 -10.95 -20.88
N TRP F 97 -17.74 -9.63 -20.92
CA TRP F 97 -16.43 -9.00 -20.85
C TRP F 97 -16.56 -7.73 -20.03
N THR F 98 -15.63 -7.52 -19.09
CA THR F 98 -15.61 -6.27 -18.34
C THR F 98 -14.18 -5.90 -17.98
N PHE F 99 -13.95 -4.60 -17.82
CA PHE F 99 -12.72 -4.05 -17.29
C PHE F 99 -12.96 -3.50 -15.90
N GLY F 100 -11.88 -3.41 -15.12
CA GLY F 100 -11.95 -2.76 -13.83
C GLY F 100 -11.88 -1.25 -13.97
N GLN F 101 -12.07 -0.57 -12.84
CA GLN F 101 -11.98 0.90 -12.83
C GLN F 101 -10.55 1.35 -13.10
N GLY F 102 -9.56 0.59 -12.66
CA GLY F 102 -8.17 0.94 -12.84
C GLY F 102 -7.54 1.44 -11.54
N THR F 103 -6.22 1.33 -11.49
CA THR F 103 -5.44 1.80 -10.36
C THR F 103 -4.29 2.65 -10.88
N LYS F 104 -4.28 3.92 -10.50
CA LYS F 104 -3.19 4.81 -10.86
C LYS F 104 -2.01 4.59 -9.92
N VAL F 105 -0.81 4.47 -10.49
CA VAL F 105 0.41 4.26 -9.72
C VAL F 105 1.29 5.49 -9.87
N GLU F 106 1.73 6.05 -8.75
CA GLU F 106 2.57 7.23 -8.73
C GLU F 106 3.87 6.94 -7.98
N ILE F 107 4.91 7.69 -8.32
CA ILE F 107 6.23 7.53 -7.71
C ILE F 107 6.45 8.70 -6.75
N LYS F 108 6.92 8.39 -5.55
CA LYS F 108 7.28 9.39 -4.58
C LYS F 108 8.75 9.78 -4.74
N ARG F 109 9.03 11.06 -4.49
CA ARG F 109 10.40 11.57 -4.46
C ARG F 109 10.49 12.60 -3.35
N THR F 110 11.68 13.16 -3.17
CA THR F 110 11.88 14.17 -2.15
C THR F 110 11.18 15.48 -2.54
N VAL F 111 10.96 16.32 -1.54
CA VAL F 111 10.25 17.58 -1.76
C VAL F 111 11.05 18.45 -2.73
N ALA F 112 10.37 19.02 -3.72
CA ALA F 112 10.98 19.89 -4.71
C ALA F 112 10.13 21.15 -4.85
N ALA F 113 10.69 22.29 -4.47
CA ALA F 113 9.96 23.54 -4.55
C ALA F 113 9.83 23.98 -6.01
N PRO F 114 8.66 24.45 -6.43
CA PRO F 114 8.49 24.86 -7.83
C PRO F 114 9.27 26.13 -8.15
N SER F 115 9.70 26.22 -9.42
CA SER F 115 10.19 27.45 -9.98
C SER F 115 9.03 28.18 -10.64
N VAL F 116 8.81 29.43 -10.24
CA VAL F 116 7.63 30.19 -10.64
C VAL F 116 8.04 31.24 -11.67
N PHE F 117 7.28 31.32 -12.76
CA PHE F 117 7.47 32.34 -13.78
C PHE F 117 6.10 32.91 -14.15
N ILE F 118 6.09 34.20 -14.48
CA ILE F 118 4.89 34.90 -14.91
C ILE F 118 5.11 35.49 -16.29
N PHE F 119 4.13 35.32 -17.17
CA PHE F 119 4.24 35.78 -18.55
C PHE F 119 3.12 36.76 -18.86
N PRO F 120 3.42 37.97 -19.31
CA PRO F 120 2.37 38.93 -19.67
C PRO F 120 1.76 38.58 -21.02
N PRO F 121 0.59 39.13 -21.32
CA PRO F 121 0.02 38.91 -22.67
C PRO F 121 0.88 39.57 -23.74
N SER F 122 0.86 38.96 -24.93
CA SER F 122 1.57 39.52 -26.07
C SER F 122 0.77 40.65 -26.70
N ASP F 123 1.48 41.56 -27.36
CA ASP F 123 0.80 42.66 -28.04
C ASP F 123 -0.07 42.17 -29.19
N GLU F 124 0.34 41.07 -29.83
CA GLU F 124 -0.47 40.52 -30.93
C GLU F 124 -1.81 40.01 -30.43
N GLN F 125 -1.82 39.36 -29.26
CA GLN F 125 -3.08 38.86 -28.71
C GLN F 125 -3.99 40.00 -28.28
N LEU F 126 -3.43 41.11 -27.80
CA LEU F 126 -4.26 42.22 -27.34
C LEU F 126 -5.09 42.81 -28.47
N LYS F 127 -4.60 42.73 -29.71
CA LYS F 127 -5.35 43.27 -30.83
C LYS F 127 -6.60 42.45 -31.15
N SER F 128 -6.69 41.22 -30.64
CA SER F 128 -7.86 40.38 -30.84
C SER F 128 -8.90 40.53 -29.74
N GLY F 129 -8.63 41.33 -28.73
CA GLY F 129 -9.62 41.63 -27.71
C GLY F 129 -9.62 40.74 -26.49
N THR F 130 -8.62 39.88 -26.32
CA THR F 130 -8.51 39.01 -25.16
C THR F 130 -7.07 39.04 -24.66
N ALA F 131 -6.91 39.04 -23.34
CA ALA F 131 -5.61 39.01 -22.68
C ALA F 131 -5.47 37.72 -21.90
N SER F 132 -4.37 37.01 -22.14
CA SER F 132 -4.06 35.77 -21.42
C SER F 132 -2.77 35.95 -20.64
N VAL F 133 -2.85 35.78 -19.33
CA VAL F 133 -1.69 35.86 -18.44
C VAL F 133 -1.39 34.44 -17.96
N VAL F 134 -0.13 34.04 -18.09
CA VAL F 134 0.30 32.67 -17.83
C VAL F 134 1.29 32.66 -16.68
N CYS F 135 1.07 31.75 -15.72
CA CYS F 135 1.97 31.53 -14.60
C CYS F 135 2.41 30.08 -14.62
N LEU F 136 3.72 29.86 -14.56
CA LEU F 136 4.32 28.54 -14.73
C LEU F 136 4.93 28.05 -13.42
N LEU F 137 4.69 26.78 -13.11
CA LEU F 137 5.31 26.09 -11.98
C LEU F 137 6.13 24.94 -12.53
N ASN F 138 7.45 24.95 -12.30
CA ASN F 138 8.38 24.07 -12.98
C ASN F 138 8.99 23.07 -12.00
N ASN F 139 8.84 21.78 -12.31
CA ASN F 139 9.60 20.69 -11.68
C ASN F 139 9.45 20.71 -10.15
N PHE F 140 8.22 20.45 -9.71
CA PHE F 140 7.90 20.41 -8.29
C PHE F 140 7.27 19.07 -7.92
N TYR F 141 7.39 18.73 -6.64
CA TYR F 141 6.78 17.56 -6.03
C TYR F 141 6.60 17.86 -4.56
N PRO F 142 5.47 17.47 -3.95
CA PRO F 142 4.34 16.72 -4.51
C PRO F 142 3.42 17.54 -5.41
N ARG F 143 2.36 16.87 -5.90
CA ARG F 143 1.44 17.50 -6.84
C ARG F 143 0.69 18.67 -6.22
N GLU F 144 0.33 18.56 -4.94
CA GLU F 144 -0.50 19.58 -4.29
C GLU F 144 0.18 20.94 -4.32
N ALA F 145 -0.45 21.90 -4.98
CA ALA F 145 0.04 23.27 -5.05
C ALA F 145 -1.16 24.20 -5.20
N LYS F 146 -1.03 25.41 -4.68
CA LYS F 146 -2.09 26.41 -4.73
C LYS F 146 -1.59 27.62 -5.47
N VAL F 147 -2.22 27.93 -6.60
CA VAL F 147 -1.86 29.07 -7.43
C VAL F 147 -3.05 30.01 -7.45
N GLN F 148 -2.91 31.19 -6.84
CA GLN F 148 -3.94 32.20 -6.83
C GLN F 148 -3.49 33.42 -7.63
N TRP F 149 -4.46 34.15 -8.16
CA TRP F 149 -4.20 35.32 -8.98
C TRP F 149 -4.66 36.56 -8.23
N LYS F 150 -3.86 37.62 -8.30
CA LYS F 150 -4.19 38.90 -7.70
C LYS F 150 -3.93 40.00 -8.71
N VAL F 151 -4.99 40.70 -9.10
CA VAL F 151 -4.91 41.81 -10.05
C VAL F 151 -5.22 43.09 -9.28
N ASP F 152 -4.26 44.01 -9.26
CA ASP F 152 -4.33 45.19 -8.40
C ASP F 152 -4.57 44.80 -6.95
N ASN F 153 -3.89 43.74 -6.52
CA ASN F 153 -3.93 43.22 -5.16
C ASN F 153 -5.32 42.73 -4.75
N ALA F 154 -6.17 42.38 -5.71
CA ALA F 154 -7.50 41.87 -5.44
C ALA F 154 -7.57 40.41 -5.91
N LEU F 155 -7.91 39.53 -4.98
CA LEU F 155 -7.94 38.10 -5.29
C LEU F 155 -9.01 37.81 -6.33
N GLN F 156 -8.62 37.11 -7.39
CA GLN F 156 -9.53 36.72 -8.46
C GLN F 156 -10.18 35.38 -8.16
N SER F 157 -11.22 35.06 -8.92
CA SER F 157 -11.92 33.79 -8.78
C SER F 157 -12.77 33.54 -10.01
N GLY F 158 -12.63 32.34 -10.60
CA GLY F 158 -13.46 31.95 -11.71
C GLY F 158 -12.98 32.40 -13.07
N ASN F 159 -11.84 33.06 -13.16
CA ASN F 159 -11.29 33.49 -14.45
C ASN F 159 -9.92 32.90 -14.73
N SER F 160 -9.57 31.79 -14.07
CA SER F 160 -8.29 31.14 -14.26
C SER F 160 -8.48 29.64 -14.36
N GLN F 161 -7.62 29.00 -15.16
CA GLN F 161 -7.65 27.56 -15.35
C GLN F 161 -6.25 26.99 -15.20
N GLU F 162 -6.18 25.76 -14.69
CA GLU F 162 -4.92 25.09 -14.42
C GLU F 162 -4.78 23.85 -15.30
N SER F 163 -3.52 23.53 -15.60
CA SER F 163 -3.19 22.32 -16.34
C SER F 163 -1.85 21.80 -15.83
N VAL F 164 -1.78 20.49 -15.59
CA VAL F 164 -0.61 19.87 -14.98
C VAL F 164 -0.11 18.75 -15.88
N THR F 165 1.22 18.63 -15.98
CA THR F 165 1.83 17.59 -16.78
C THR F 165 1.80 16.25 -16.04
N GLU F 166 2.06 15.19 -16.78
CA GLU F 166 2.24 13.88 -16.17
C GLU F 166 3.59 13.83 -15.45
N GLN F 167 3.72 12.85 -14.57
CA GLN F 167 4.94 12.71 -13.78
C GLN F 167 6.13 12.45 -14.69
N ASP F 168 7.19 13.23 -14.50
CA ASP F 168 8.34 13.19 -15.40
C ASP F 168 9.05 11.84 -15.33
N SER F 169 9.59 11.42 -16.47
CA SER F 169 10.28 10.14 -16.54
C SER F 169 11.56 10.14 -15.70
N LYS F 170 12.31 11.24 -15.72
CA LYS F 170 13.61 11.26 -15.07
C LYS F 170 13.49 11.55 -13.57
N ASP F 171 13.01 12.74 -13.21
CA ASP F 171 13.01 13.17 -11.81
C ASP F 171 11.65 13.06 -11.14
N SER F 172 10.64 12.52 -11.82
CA SER F 172 9.33 12.24 -11.23
C SER F 172 8.65 13.49 -10.69
N THR F 173 8.94 14.64 -11.29
CA THR F 173 8.36 15.91 -10.84
C THR F 173 7.20 16.31 -11.74
N TYR F 174 6.34 17.17 -11.21
CA TYR F 174 5.21 17.73 -11.93
C TYR F 174 5.54 19.14 -12.42
N SER F 175 4.79 19.58 -13.43
CA SER F 175 4.81 20.96 -13.89
C SER F 175 3.39 21.43 -14.09
N LEU F 176 3.13 22.69 -13.74
CA LEU F 176 1.77 23.21 -13.73
C LEU F 176 1.74 24.59 -14.37
N SER F 177 0.61 24.89 -15.02
CA SER F 177 0.38 26.20 -15.63
C SER F 177 -0.96 26.74 -15.17
N SER F 178 -1.00 28.03 -14.86
CA SER F 178 -2.23 28.72 -14.50
C SER F 178 -2.42 29.90 -15.44
N THR F 179 -3.56 29.92 -16.13
CA THR F 179 -3.82 30.92 -17.17
C THR F 179 -4.99 31.80 -16.73
N LEU F 180 -4.72 33.10 -16.60
CA LEU F 180 -5.74 34.08 -16.26
C LEU F 180 -6.23 34.74 -17.55
N THR F 181 -7.54 34.70 -17.78
CA THR F 181 -8.13 35.22 -19.00
C THR F 181 -8.93 36.48 -18.69
N LEU F 182 -8.58 37.58 -19.37
CA LEU F 182 -9.25 38.85 -19.19
C LEU F 182 -9.55 39.45 -20.56
N SER F 183 -10.57 40.30 -20.61
CA SER F 183 -10.82 41.09 -21.80
C SER F 183 -9.77 42.20 -21.93
N LYS F 184 -9.60 42.68 -23.16
CA LYS F 184 -8.59 43.71 -23.41
C LYS F 184 -8.90 44.98 -22.62
N ALA F 185 -10.17 45.39 -22.59
CA ALA F 185 -10.56 46.58 -21.84
C ALA F 185 -10.28 46.40 -20.35
N ASP F 186 -10.66 45.25 -19.81
CA ASP F 186 -10.40 44.98 -18.40
C ASP F 186 -8.91 44.96 -18.09
N TYR F 187 -8.13 44.33 -18.97
CA TYR F 187 -6.69 44.25 -18.77
C TYR F 187 -6.07 45.64 -18.75
N GLU F 188 -6.52 46.53 -19.63
CA GLU F 188 -5.99 47.89 -19.69
C GLU F 188 -6.44 48.76 -18.53
N LYS F 189 -7.40 48.29 -17.71
CA LYS F 189 -7.86 49.04 -16.55
C LYS F 189 -7.07 48.74 -15.28
N HIS F 190 -6.03 47.91 -15.37
CA HIS F 190 -5.31 47.48 -14.17
C HIS F 190 -3.81 47.52 -14.44
N LYS F 191 -3.04 47.63 -13.36
CA LYS F 191 -1.60 47.79 -13.44
C LYS F 191 -0.83 46.56 -12.98
N VAL F 192 -1.14 46.03 -11.79
CA VAL F 192 -0.34 44.98 -11.17
C VAL F 192 -1.01 43.64 -11.42
N TYR F 193 -0.24 42.67 -11.90
CA TYR F 193 -0.72 41.31 -12.14
C TYR F 193 0.20 40.35 -11.41
N ALA F 194 -0.31 39.72 -10.37
CA ALA F 194 0.49 38.89 -9.47
C ALA F 194 0.00 37.46 -9.49
N CYS F 195 0.93 36.53 -9.25
CA CYS F 195 0.65 35.10 -9.18
C CYS F 195 1.30 34.55 -7.93
N GLU F 196 0.49 34.02 -7.02
CA GLU F 196 0.95 33.57 -5.71
C GLU F 196 0.88 32.05 -5.65
N VAL F 197 2.02 31.42 -5.33
CA VAL F 197 2.15 29.97 -5.35
C VAL F 197 2.44 29.49 -3.93
N THR F 198 1.59 28.58 -3.45
CA THR F 198 1.78 27.94 -2.14
C THR F 198 2.13 26.47 -2.36
N HIS F 199 3.24 26.04 -1.76
CA HIS F 199 3.70 24.67 -1.95
C HIS F 199 4.42 24.22 -0.68
N GLN F 200 4.51 22.91 -0.51
CA GLN F 200 5.18 22.33 0.65
C GLN F 200 6.65 22.69 0.68
N GLY F 201 7.30 22.78 -0.49
CA GLY F 201 8.69 23.13 -0.58
C GLY F 201 9.02 24.59 -0.39
N LEU F 202 8.00 25.43 -0.25
CA LEU F 202 8.18 26.86 -0.03
C LEU F 202 7.78 27.18 1.40
N SER F 203 8.72 27.73 2.19
CA SER F 203 8.39 28.12 3.56
C SER F 203 7.39 29.26 3.59
N SER F 204 7.44 30.14 2.59
CA SER F 204 6.50 31.24 2.43
C SER F 204 5.99 31.23 1.00
N PRO F 205 4.74 31.65 0.77
CA PRO F 205 4.24 31.72 -0.60
C PRO F 205 5.09 32.63 -1.47
N VAL F 206 5.35 32.18 -2.68
CA VAL F 206 6.18 32.92 -3.64
C VAL F 206 5.27 33.66 -4.59
N THR F 207 5.51 34.98 -4.74
CA THR F 207 4.72 35.82 -5.61
C THR F 207 5.60 36.34 -6.74
N LYS F 208 5.18 36.09 -7.97
CA LYS F 208 5.81 36.66 -9.16
C LYS F 208 4.80 37.57 -9.84
N SER F 209 5.18 38.82 -10.06
CA SER F 209 4.25 39.81 -10.60
C SER F 209 4.94 40.65 -11.66
N PHE F 210 4.15 41.48 -12.32
CA PHE F 210 4.64 42.43 -13.31
C PHE F 210 3.63 43.56 -13.43
N ASN F 211 4.13 44.73 -13.82
CA ASN F 211 3.28 45.89 -14.07
C ASN F 211 3.03 46.03 -15.56
N ARG F 212 1.76 46.24 -15.92
CA ARG F 212 1.38 46.36 -17.32
C ARG F 212 2.14 47.51 -17.98
N GLY F 213 3.04 47.19 -18.89
CA GLY F 213 3.89 48.18 -19.52
C GLY F 213 5.21 48.39 -18.80
ZN ZN G . 25.51 -9.23 15.74
ZN ZN H . 27.03 -10.20 9.70
ZN ZN I . 34.24 -9.59 -8.25
ZN ZN J . 21.94 -29.66 22.68
ZN ZN K . -16.59 -16.84 -24.34
ZN ZN L . -1.09 -23.29 -38.37
ZN ZN M . -20.86 1.05 23.93
ZN ZN N . 11.58 21.70 -17.02
#